data_4OVW
#
_entry.id   4OVW
#
_cell.length_a   65.940
_cell.length_b   82.620
_cell.length_c   73.160
_cell.angle_alpha   90.00
_cell.angle_beta   94.16
_cell.angle_gamma   90.00
#
_symmetry.space_group_name_H-M   'P 1 21 1'
#
loop_
_entity.id
_entity.type
_entity.pdbx_description
1 polymer 'ENDOGLUCANASE I'
2 non-polymer 2-acetamido-2-deoxy-beta-D-glucopyranose
3 non-polymer '4-(beta-D-glucopyranosyloxy)-2,2-dihydroxybutyl propanoate'
4 water water
#
_entity_poly.entity_id   1
_entity_poly.type   'polypeptide(L)'
_entity_poly.pdbx_seq_one_letter_code
;(PCA)TPDKAKEQHPKLETYRCTKASGCKKQTNYIVADAGIHGIRQKNGAGCGDWGQKPNATACPDEASCAKNCILSGMD
SNAYKNAGITTSGNKLRLQQLINNQLVSPRVYLLEENKKKYEMLHLTGTEFSFDVEMEKLPCGMNGALYLSEMPQDGGKS
TSRNSKAGAYYGAGYCDAQCYVTPFINGVGNIKGQGVCCNELDIWEANSRATHIAPHPCSKPGLYGCTGDECGSSGICDK
AGCGWNHNRINVTDFYGRGKQYKVDSTRKFTVTSQFVANKQGDLIELHRHYIQDNKVIESAVVNISGPPKINFINDKYCA
ATGANEYMRLGGTKQMGDAMSRGMVLAMSVWWSEGDFMAWLDQGVAGPCDATEGDPKNIVKVQPNPEVTFSNIRIGEIGS
TSSVKAPAYPGPHRL
;
_entity_poly.pdbx_strand_id   A,B
#
loop_
_chem_comp.id
_chem_comp.type
_chem_comp.name
_chem_comp.formula
IN1 D-saccharide '4-(beta-D-glucopyranosyloxy)-2,2-dihydroxybutyl propanoate' 'C13 H24 O10'
NAG D-saccharide, beta linking 2-acetamido-2-deoxy-beta-D-glucopyranose 'C8 H15 N O6'
#
# COMPACT_ATOMS: atom_id res chain seq x y z
N PCA A 1 2.55 27.59 -14.84
CA PCA A 1 3.64 26.63 -15.13
CB PCA A 1 3.92 25.87 -13.83
CG PCA A 1 2.51 25.76 -13.19
CD PCA A 1 1.83 27.01 -13.85
OE PCA A 1 0.97 27.66 -13.23
C PCA A 1 3.18 25.70 -16.24
O PCA A 1 1.99 25.22 -16.30
N THR A 2 4.05 24.80 -16.82
CA THR A 2 3.92 23.61 -17.77
C THR A 2 4.05 22.30 -17.07
N PRO A 3 3.00 21.52 -17.08
CA PRO A 3 3.01 20.15 -16.52
C PRO A 3 3.96 19.29 -17.32
N ASP A 4 4.66 18.42 -16.69
CA ASP A 4 5.55 17.43 -17.28
C ASP A 4 4.63 16.34 -17.84
N LYS A 5 5.18 15.22 -18.19
CA LYS A 5 4.51 14.11 -18.81
C LYS A 5 4.28 12.93 -17.91
N ALA A 6 4.52 13.05 -16.61
CA ALA A 6 4.27 11.95 -15.68
C ALA A 6 2.73 11.73 -15.63
N LYS A 7 2.33 10.51 -15.33
CA LYS A 7 0.92 10.17 -15.22
C LYS A 7 0.23 10.69 -13.97
N GLU A 8 -0.82 11.48 -14.11
CA GLU A 8 -1.48 11.98 -12.92
C GLU A 8 -2.49 10.93 -12.45
N GLN A 9 -2.54 10.50 -11.21
CA GLN A 9 -3.46 9.46 -10.75
C GLN A 9 -4.30 9.99 -9.57
N HIS A 10 -5.34 10.73 -9.90
CA HIS A 10 -6.25 11.34 -8.93
C HIS A 10 -7.06 10.28 -8.15
N PRO A 11 -6.99 10.40 -6.84
CA PRO A 11 -7.74 9.47 -5.98
C PRO A 11 -9.23 9.61 -6.32
N LYS A 12 -9.96 8.50 -6.42
CA LYS A 12 -11.37 8.46 -6.76
C LYS A 12 -12.17 8.74 -5.49
N LEU A 13 -13.20 9.59 -5.62
CA LEU A 13 -14.05 9.83 -4.45
C LEU A 13 -15.50 9.75 -4.88
N GLU A 14 -16.22 8.78 -4.28
CA GLU A 14 -17.64 8.64 -4.56
C GLU A 14 -18.40 9.74 -3.82
N THR A 15 -19.25 10.52 -4.46
CA THR A 15 -20.10 11.47 -3.76
C THR A 15 -21.58 11.22 -4.10
N TYR A 16 -22.59 11.93 -3.58
CA TYR A 16 -23.98 11.61 -3.80
C TYR A 16 -24.77 12.87 -4.17
N ARG A 17 -25.82 12.71 -4.96
CA ARG A 17 -26.70 13.79 -5.35
C ARG A 17 -28.10 13.38 -4.83
N CYS A 18 -28.80 14.31 -4.18
CA CYS A 18 -30.04 13.88 -3.56
C CYS A 18 -31.29 14.71 -3.87
N THR A 19 -32.42 14.01 -3.97
CA THR A 19 -33.75 14.60 -4.14
C THR A 19 -34.73 14.01 -3.10
N LYS A 20 -35.70 14.84 -2.69
CA LYS A 20 -36.69 14.30 -1.73
C LYS A 20 -37.42 13.12 -2.41
N ALA A 21 -37.83 13.25 -3.66
CA ALA A 21 -38.50 12.19 -4.36
C ALA A 21 -37.69 10.89 -4.49
N SER A 22 -36.48 10.92 -5.05
CA SER A 22 -35.79 9.66 -5.21
C SER A 22 -34.61 9.35 -4.33
N GLY A 23 -34.35 10.01 -3.21
CA GLY A 23 -33.16 9.64 -2.44
C GLY A 23 -31.87 10.20 -3.02
N CYS A 24 -30.77 9.58 -2.68
CA CYS A 24 -29.41 9.95 -2.97
C CYS A 24 -28.77 8.91 -3.91
N LYS A 25 -28.31 9.33 -5.05
CA LYS A 25 -27.67 8.52 -6.06
C LYS A 25 -26.16 8.77 -6.07
N LYS A 26 -25.42 7.67 -6.00
CA LYS A 26 -23.98 7.70 -5.99
C LYS A 26 -23.43 8.17 -7.32
N GLN A 27 -22.28 8.84 -7.34
CA GLN A 27 -21.63 9.18 -8.60
C GLN A 27 -20.10 9.27 -8.32
N THR A 28 -19.34 9.14 -9.40
CA THR A 28 -17.91 9.17 -9.28
C THR A 28 -17.31 10.56 -9.44
N ASN A 29 -16.50 10.99 -8.47
CA ASN A 29 -15.73 12.24 -8.58
C ASN A 29 -14.25 11.96 -8.31
N TYR A 30 -13.40 12.95 -8.59
CA TYR A 30 -11.97 12.80 -8.38
C TYR A 30 -11.43 13.97 -7.57
N ILE A 31 -10.33 13.66 -6.86
CA ILE A 31 -9.63 14.62 -6.01
C ILE A 31 -8.32 15.07 -6.64
N VAL A 32 -7.99 16.37 -6.57
CA VAL A 32 -6.76 16.94 -7.10
C VAL A 32 -6.04 17.81 -6.09
N ALA A 33 -4.70 17.58 -6.02
CA ALA A 33 -3.96 18.45 -5.10
C ALA A 33 -3.82 19.80 -5.77
N ASP A 34 -3.66 20.83 -4.94
CA ASP A 34 -3.33 22.16 -5.42
C ASP A 34 -2.16 22.07 -6.41
N ALA A 35 -2.19 22.91 -7.42
CA ALA A 35 -1.03 23.01 -8.32
C ALA A 35 0.29 23.07 -7.53
N GLY A 36 0.43 23.88 -6.49
CA GLY A 36 1.69 23.98 -5.80
C GLY A 36 2.15 22.75 -5.02
N ILE A 37 1.26 21.82 -4.60
CA ILE A 37 1.65 20.60 -3.95
C ILE A 37 2.28 19.58 -4.91
N HIS A 38 1.91 19.68 -6.19
CA HIS A 38 2.48 18.86 -7.24
C HIS A 38 4.00 19.10 -7.33
N GLY A 39 4.52 20.28 -7.08
CA GLY A 39 5.91 20.61 -7.18
C GLY A 39 6.05 21.48 -8.44
N ILE A 40 6.41 22.73 -8.29
CA ILE A 40 6.62 23.66 -9.39
C ILE A 40 8.07 24.16 -9.29
N ARG A 41 8.83 23.84 -10.35
CA ARG A 41 10.25 24.07 -10.30
C ARG A 41 10.99 24.44 -11.55
N GLN A 42 12.12 25.15 -11.39
CA GLN A 42 12.96 25.36 -12.57
C GLN A 42 13.74 24.07 -12.87
N LYS A 43 14.41 24.03 -14.00
CA LYS A 43 15.25 22.92 -14.41
C LYS A 43 16.47 22.77 -13.49
N ASN A 44 16.99 23.77 -12.82
CA ASN A 44 18.10 23.61 -11.91
C ASN A 44 17.65 23.25 -10.48
N GLY A 45 16.33 22.91 -10.38
CA GLY A 45 15.76 22.67 -9.08
C GLY A 45 15.29 23.84 -8.25
N ALA A 46 15.62 25.10 -8.50
CA ALA A 46 15.07 26.20 -7.71
C ALA A 46 13.53 26.23 -7.89
N GLY A 47 12.82 26.78 -6.88
CA GLY A 47 11.39 26.95 -6.91
C GLY A 47 11.14 28.20 -7.81
N CYS A 48 9.85 28.37 -8.17
CA CYS A 48 9.49 29.54 -8.93
C CYS A 48 8.85 30.61 -8.05
N GLY A 49 9.01 30.55 -6.74
CA GLY A 49 8.58 31.62 -5.88
C GLY A 49 7.75 31.11 -4.69
N ASP A 50 7.86 31.76 -3.57
CA ASP A 50 7.17 31.52 -2.34
C ASP A 50 5.85 32.29 -2.22
N TRP A 51 5.00 31.65 -1.43
CA TRP A 51 3.70 32.12 -1.03
C TRP A 51 3.86 33.51 -0.47
N GLY A 52 3.14 34.50 -1.01
CA GLY A 52 3.31 35.87 -0.44
C GLY A 52 4.00 36.78 -1.41
N GLN A 53 4.52 36.24 -2.49
CA GLN A 53 5.32 37.02 -3.41
C GLN A 53 5.10 36.78 -4.90
N LYS A 54 5.58 37.68 -5.73
CA LYS A 54 5.72 37.47 -7.16
C LYS A 54 6.58 36.24 -7.43
N PRO A 55 6.50 35.65 -8.60
CA PRO A 55 7.32 34.52 -9.01
C PRO A 55 8.77 35.00 -9.22
N ASN A 56 9.71 34.08 -9.08
CA ASN A 56 11.14 34.38 -9.28
C ASN A 56 11.29 35.27 -10.51
N ALA A 57 12.02 36.36 -10.39
CA ALA A 57 12.12 37.35 -11.45
C ALA A 57 12.99 36.82 -12.58
N THR A 58 13.95 35.93 -12.29
CA THR A 58 14.77 35.43 -13.40
C THR A 58 14.05 34.36 -14.15
N ALA A 59 13.24 33.50 -13.51
CA ALA A 59 12.52 32.51 -14.34
C ALA A 59 11.26 33.18 -14.90
N CYS A 60 10.75 34.26 -14.27
CA CYS A 60 9.51 34.82 -14.75
C CYS A 60 9.48 36.29 -14.99
N PRO A 61 10.23 36.80 -15.98
CA PRO A 61 10.32 38.23 -16.30
C PRO A 61 9.02 38.63 -16.98
N ASP A 62 8.36 37.67 -17.56
CA ASP A 62 7.08 37.89 -18.21
C ASP A 62 6.37 36.50 -18.22
N GLU A 63 5.14 36.55 -18.70
CA GLU A 63 4.31 35.36 -18.66
C GLU A 63 4.77 34.20 -19.52
N ALA A 64 5.22 34.47 -20.76
CA ALA A 64 5.58 33.34 -21.62
C ALA A 64 6.80 32.61 -21.05
N SER A 65 7.76 33.36 -20.52
CA SER A 65 8.99 32.80 -19.97
C SER A 65 8.68 32.00 -18.72
N CYS A 66 7.71 32.45 -17.91
CA CYS A 66 7.35 31.75 -16.67
C CYS A 66 6.84 30.35 -16.99
N ALA A 67 5.93 30.26 -17.95
CA ALA A 67 5.39 29.00 -18.43
C ALA A 67 6.49 28.10 -18.99
N LYS A 68 7.45 28.65 -19.75
CA LYS A 68 8.54 27.83 -20.26
C LYS A 68 9.43 27.31 -19.10
N ASN A 69 9.88 28.15 -18.18
CA ASN A 69 10.83 27.76 -17.15
C ASN A 69 10.27 27.09 -15.90
N CYS A 70 8.96 27.09 -15.70
CA CYS A 70 8.43 26.59 -14.41
C CYS A 70 7.62 25.33 -14.65
N ILE A 71 8.17 24.16 -14.28
CA ILE A 71 7.62 22.88 -14.60
C ILE A 71 6.80 22.36 -13.40
N LEU A 72 5.62 21.90 -13.68
CA LEU A 72 4.74 21.30 -12.68
C LEU A 72 4.84 19.79 -12.84
N SER A 73 5.05 19.07 -11.77
CA SER A 73 5.20 17.61 -11.77
C SER A 73 3.92 16.84 -11.53
N GLY A 74 3.64 15.91 -12.40
CA GLY A 74 2.55 14.96 -12.39
C GLY A 74 2.59 14.22 -11.05
N MET A 75 1.43 13.90 -10.48
CA MET A 75 1.35 13.21 -9.22
C MET A 75 0.73 11.84 -9.40
N ASP A 76 1.52 10.79 -9.17
CA ASP A 76 0.97 9.44 -9.25
C ASP A 76 0.31 9.12 -7.88
N SER A 77 -0.21 7.94 -7.70
CA SER A 77 -0.84 7.56 -6.44
C SER A 77 0.12 7.57 -5.26
N ASN A 78 1.38 7.24 -5.46
CA ASN A 78 2.36 7.38 -4.37
C ASN A 78 2.62 8.81 -3.99
N ALA A 79 2.63 9.67 -5.00
CA ALA A 79 2.81 11.12 -4.80
C ALA A 79 1.65 11.64 -3.94
N TYR A 80 0.41 11.23 -4.26
CA TYR A 80 -0.78 11.62 -3.48
C TYR A 80 -0.61 11.14 -2.06
N LYS A 81 -0.36 9.87 -1.83
CA LYS A 81 -0.07 9.31 -0.54
C LYS A 81 1.02 10.04 0.22
N ASN A 82 2.19 10.22 -0.40
CA ASN A 82 3.24 11.00 0.27
C ASN A 82 2.81 12.44 0.51
N ALA A 83 1.81 13.01 -0.19
CA ALA A 83 1.31 14.34 0.04
C ALA A 83 0.23 14.32 1.15
N GLY A 84 0.02 13.15 1.78
CA GLY A 84 -0.96 13.00 2.85
C GLY A 84 -2.40 12.89 2.34
N ILE A 85 -2.61 12.49 1.09
CA ILE A 85 -3.96 12.43 0.51
C ILE A 85 -4.28 11.02 0.02
N THR A 86 -5.33 10.45 0.63
CA THR A 86 -5.84 9.13 0.20
C THR A 86 -7.36 9.03 0.26
N THR A 87 -7.92 8.17 -0.57
CA THR A 87 -9.39 7.96 -0.48
C THR A 87 -9.77 6.49 -0.40
N SER A 88 -11.01 6.22 -0.06
CA SER A 88 -11.58 4.89 0.10
C SER A 88 -13.12 4.95 0.14
N GLY A 89 -13.75 4.50 -0.94
CA GLY A 89 -15.18 4.61 -1.13
C GLY A 89 -15.64 6.07 -1.15
N ASN A 90 -16.29 6.52 -0.05
CA ASN A 90 -16.70 7.92 -0.02
C ASN A 90 -15.85 8.74 0.97
N LYS A 91 -14.71 8.18 1.41
CA LYS A 91 -13.86 8.86 2.36
C LYS A 91 -12.58 9.47 1.76
N LEU A 92 -12.26 10.67 2.20
CA LEU A 92 -11.08 11.41 1.90
C LEU A 92 -10.25 11.63 3.18
N ARG A 93 -9.04 11.01 3.28
CA ARG A 93 -8.20 11.18 4.43
C ARG A 93 -7.12 12.21 4.17
N LEU A 94 -6.99 13.21 4.99
CA LEU A 94 -6.00 14.25 4.91
C LEU A 94 -5.10 14.26 6.17
N GLN A 95 -3.83 13.99 5.93
CA GLN A 95 -2.81 13.99 7.01
C GLN A 95 -1.90 15.20 6.96
N GLN A 96 -1.66 15.81 8.12
CA GLN A 96 -0.77 16.96 8.23
C GLN A 96 0.70 16.62 8.03
N LEU A 97 1.19 15.49 8.53
CA LEU A 97 2.57 15.08 8.42
C LEU A 97 2.73 13.62 7.96
N ILE A 98 3.65 13.35 7.07
CA ILE A 98 4.05 12.07 6.57
C ILE A 98 5.57 11.91 6.83
N ASN A 99 5.93 10.99 7.71
CA ASN A 99 7.33 10.70 8.05
C ASN A 99 8.17 11.87 8.51
N ASN A 100 7.69 12.67 9.43
CA ASN A 100 8.14 13.93 9.93
C ASN A 100 8.28 15.05 8.89
N GLN A 101 7.58 14.98 7.78
CA GLN A 101 7.57 16.06 6.82
C GLN A 101 6.19 16.73 6.84
N LEU A 102 6.19 18.04 6.96
CA LEU A 102 4.98 18.84 6.91
C LEU A 102 4.33 18.77 5.52
N VAL A 103 3.13 18.22 5.34
CA VAL A 103 2.61 18.17 3.98
C VAL A 103 1.35 19.03 3.83
N SER A 104 0.53 19.20 4.88
CA SER A 104 -0.61 20.06 4.99
C SER A 104 -1.37 20.25 3.69
N PRO A 105 -1.96 19.21 3.17
CA PRO A 105 -2.57 19.23 1.82
C PRO A 105 -3.77 20.16 1.76
N ARG A 106 -4.00 20.60 0.54
CA ARG A 106 -5.20 21.34 0.19
C ARG A 106 -5.61 20.74 -1.14
N VAL A 107 -6.81 20.24 -1.27
CA VAL A 107 -7.38 19.60 -2.45
C VAL A 107 -8.73 20.17 -2.91
N TYR A 108 -9.02 19.90 -4.20
CA TYR A 108 -10.21 20.33 -4.91
C TYR A 108 -10.94 19.10 -5.48
N LEU A 109 -12.27 19.28 -5.60
CA LEU A 109 -13.12 18.25 -6.17
C LEU A 109 -13.29 18.40 -7.70
N LEU A 110 -12.92 17.34 -8.43
CA LEU A 110 -13.04 17.27 -9.86
C LEU A 110 -14.28 16.48 -10.33
N GLU A 111 -14.87 16.92 -11.44
CA GLU A 111 -15.89 16.16 -12.14
C GLU A 111 -15.26 14.82 -12.52
N GLU A 112 -16.03 13.84 -12.91
CA GLU A 112 -15.71 12.53 -13.38
C GLU A 112 -14.80 12.56 -14.61
N ASN A 113 -14.90 13.48 -15.52
CA ASN A 113 -13.98 13.53 -16.66
C ASN A 113 -12.62 14.11 -16.28
N LYS A 114 -12.40 14.66 -15.09
CA LYS A 114 -11.13 15.22 -14.65
C LYS A 114 -10.69 16.50 -15.33
N LYS A 115 -11.40 17.04 -16.28
CA LYS A 115 -10.89 18.25 -16.93
C LYS A 115 -11.43 19.53 -16.31
N LYS A 116 -12.45 19.37 -15.45
CA LYS A 116 -13.12 20.46 -14.80
C LYS A 116 -13.39 20.28 -13.30
N TYR A 117 -13.31 21.35 -12.54
CA TYR A 117 -13.74 21.34 -11.16
C TYR A 117 -15.25 21.10 -11.09
N GLU A 118 -15.72 20.23 -10.19
CA GLU A 118 -17.15 20.02 -10.08
C GLU A 118 -17.74 21.31 -9.47
N MET A 119 -18.27 22.23 -10.21
CA MET A 119 -18.90 23.46 -9.75
C MET A 119 -20.22 23.21 -8.99
N LEU A 120 -20.30 23.70 -7.78
CA LEU A 120 -21.45 23.55 -6.90
C LEU A 120 -22.23 24.87 -6.81
N HIS A 121 -23.53 24.74 -6.96
CA HIS A 121 -24.47 25.87 -6.95
C HIS A 121 -25.38 25.70 -5.74
N LEU A 122 -25.01 26.17 -4.61
CA LEU A 122 -25.59 25.89 -3.32
C LEU A 122 -26.68 26.87 -2.90
N THR A 123 -26.90 28.02 -3.45
CA THR A 123 -28.03 28.88 -3.04
C THR A 123 -29.36 28.18 -3.26
N GLY A 124 -30.13 27.98 -2.20
CA GLY A 124 -31.42 27.27 -2.39
C GLY A 124 -31.27 25.78 -2.15
N THR A 125 -30.11 25.26 -1.77
CA THR A 125 -29.95 23.80 -1.68
C THR A 125 -29.25 23.46 -0.38
N GLU A 126 -28.97 22.22 -0.17
CA GLU A 126 -28.40 21.64 1.02
C GLU A 126 -27.11 20.82 0.78
N PHE A 127 -26.16 20.83 1.69
CA PHE A 127 -24.92 20.09 1.54
C PHE A 127 -24.67 19.37 2.88
N SER A 128 -24.40 18.10 2.83
CA SER A 128 -24.10 17.30 4.01
C SER A 128 -22.80 16.49 3.86
N PHE A 129 -22.11 16.33 4.98
CA PHE A 129 -20.86 15.54 4.99
C PHE A 129 -20.65 14.98 6.40
N ASP A 130 -20.00 13.84 6.46
CA ASP A 130 -19.59 13.28 7.74
C ASP A 130 -18.11 13.68 7.97
N VAL A 131 -17.67 13.70 9.24
CA VAL A 131 -16.31 14.09 9.55
C VAL A 131 -15.86 13.45 10.86
N GLU A 132 -14.57 13.15 10.92
CA GLU A 132 -13.91 12.54 12.09
C GLU A 132 -12.89 13.56 12.56
N MET A 133 -12.99 14.19 13.68
CA MET A 133 -12.23 15.25 14.25
C MET A 133 -11.33 14.90 15.41
N GLU A 134 -11.37 13.67 15.88
CA GLU A 134 -10.63 13.24 17.06
C GLU A 134 -9.16 13.59 17.07
N LYS A 135 -8.49 13.49 15.93
CA LYS A 135 -7.10 13.77 15.81
C LYS A 135 -6.67 15.17 15.50
N LEU A 136 -7.45 16.19 15.80
CA LEU A 136 -7.12 17.59 15.65
C LEU A 136 -7.30 18.31 17.00
N PRO A 137 -6.11 18.66 17.57
CA PRO A 137 -5.98 19.32 18.87
C PRO A 137 -6.09 20.84 18.68
N CYS A 138 -5.94 21.61 19.76
CA CYS A 138 -5.85 23.07 19.63
C CYS A 138 -4.81 23.50 18.60
N GLY A 139 -5.03 24.57 17.84
CA GLY A 139 -4.08 25.10 16.87
C GLY A 139 -4.29 24.50 15.46
N MET A 140 -4.97 23.34 15.36
CA MET A 140 -5.20 22.77 14.04
C MET A 140 -6.50 23.33 13.44
N ASN A 141 -6.59 23.21 12.13
CA ASN A 141 -7.73 23.62 11.29
C ASN A 141 -7.94 22.56 10.21
N GLY A 142 -8.94 21.69 10.34
CA GLY A 142 -9.35 20.74 9.29
C GLY A 142 -10.53 21.45 8.59
N ALA A 143 -10.33 21.78 7.31
CA ALA A 143 -11.28 22.65 6.62
C ALA A 143 -12.01 22.15 5.39
N LEU A 144 -13.29 22.47 5.32
CA LEU A 144 -14.16 22.18 4.14
C LEU A 144 -14.79 23.52 3.71
N TYR A 145 -14.47 24.01 2.49
CA TYR A 145 -14.98 25.31 2.08
C TYR A 145 -15.10 25.43 0.58
N LEU A 146 -15.77 26.55 0.16
CA LEU A 146 -15.83 26.77 -1.28
C LEU A 146 -15.21 28.13 -1.62
N SER A 147 -14.70 28.27 -2.84
CA SER A 147 -14.11 29.50 -3.35
C SER A 147 -14.60 29.70 -4.80
N GLU A 148 -14.63 30.90 -5.32
CA GLU A 148 -15.09 31.08 -6.67
C GLU A 148 -13.90 31.08 -7.61
N MET A 149 -13.35 29.90 -7.79
CA MET A 149 -12.29 29.56 -8.69
C MET A 149 -12.90 29.31 -10.08
N PRO A 150 -12.12 29.59 -11.11
CA PRO A 150 -12.49 29.36 -12.49
C PRO A 150 -12.60 27.84 -12.61
N GLN A 151 -13.63 27.32 -13.22
CA GLN A 151 -13.80 25.89 -13.45
C GLN A 151 -12.67 25.20 -14.22
N ASP A 152 -12.11 25.91 -15.16
CA ASP A 152 -11.04 25.40 -16.00
C ASP A 152 -9.67 25.71 -15.41
N GLY A 153 -9.55 26.20 -14.19
CA GLY A 153 -8.30 26.54 -13.56
C GLY A 153 -7.61 27.75 -14.16
N GLY A 154 -8.27 28.53 -15.00
CA GLY A 154 -7.74 29.74 -15.54
C GLY A 154 -7.33 29.61 -17.02
N LYS A 155 -7.53 28.40 -17.57
CA LYS A 155 -7.01 28.16 -18.92
C LYS A 155 -7.48 29.20 -19.91
N SER A 156 -8.75 29.53 -19.97
CA SER A 156 -9.20 30.43 -21.02
C SER A 156 -8.72 31.85 -20.86
N THR A 157 -8.17 32.29 -19.75
CA THR A 157 -7.67 33.62 -19.59
C THR A 157 -6.34 33.90 -20.26
N SER A 158 -5.64 32.90 -20.78
CA SER A 158 -4.30 33.10 -21.32
C SER A 158 -3.81 31.91 -22.13
N ARG A 159 -3.04 32.12 -23.19
CA ARG A 159 -2.47 31.05 -23.98
C ARG A 159 -1.28 30.46 -23.22
N ASN A 160 -0.79 31.17 -22.24
CA ASN A 160 0.28 30.73 -21.37
C ASN A 160 -0.22 29.84 -20.25
N SER A 161 -1.54 29.75 -20.04
CA SER A 161 -2.08 29.00 -18.93
C SER A 161 -2.32 27.54 -19.35
N LYS A 162 -1.53 26.61 -18.83
CA LYS A 162 -1.63 25.23 -19.24
C LYS A 162 -2.16 24.24 -18.20
N ALA A 163 -1.91 24.50 -16.91
CA ALA A 163 -2.23 23.52 -15.89
C ALA A 163 -3.70 23.09 -15.87
N GLY A 164 -4.57 24.10 -15.79
CA GLY A 164 -5.99 23.87 -15.61
C GLY A 164 -6.33 23.20 -14.25
N ALA A 165 -7.57 22.69 -14.28
CA ALA A 165 -8.19 22.02 -13.16
C ALA A 165 -7.57 20.62 -13.03
N TYR A 166 -7.19 20.02 -14.15
CA TYR A 166 -6.51 18.71 -14.04
C TYR A 166 -5.30 18.73 -13.08
N TYR A 167 -4.60 19.85 -13.03
CA TYR A 167 -3.44 19.92 -12.13
C TYR A 167 -3.67 20.81 -10.92
N GLY A 168 -4.93 21.21 -10.68
CA GLY A 168 -5.22 21.98 -9.46
C GLY A 168 -4.81 23.42 -9.51
N ALA A 169 -4.91 24.06 -10.69
CA ALA A 169 -4.53 25.49 -10.73
C ALA A 169 -5.72 26.38 -10.39
N GLY A 170 -5.55 27.68 -10.35
CA GLY A 170 -6.51 28.70 -10.17
C GLY A 170 -7.13 28.95 -8.81
N TYR A 171 -6.39 28.65 -7.75
CA TYR A 171 -6.86 28.88 -6.41
C TYR A 171 -6.96 30.37 -6.08
N CYS A 172 -7.98 30.66 -5.26
CA CYS A 172 -8.27 32.02 -4.81
C CYS A 172 -9.03 32.00 -3.47
N ASP A 173 -9.11 33.11 -2.75
CA ASP A 173 -9.94 33.12 -1.56
C ASP A 173 -10.07 34.60 -1.22
N ALA A 174 -10.73 34.86 -0.11
CA ALA A 174 -11.12 36.18 0.33
C ALA A 174 -10.03 36.87 1.12
N GLN A 175 -8.91 36.19 1.33
CA GLN A 175 -7.78 36.85 2.02
C GLN A 175 -6.97 37.70 1.04
N CYS A 176 -7.23 37.55 -0.26
CA CYS A 176 -6.49 38.26 -1.29
C CYS A 176 -4.95 38.12 -1.11
N TYR A 177 -4.41 36.99 -0.73
CA TYR A 177 -3.00 36.77 -0.58
C TYR A 177 -2.32 36.80 -1.96
N VAL A 178 -1.11 37.33 -1.91
CA VAL A 178 -0.24 37.39 -3.08
C VAL A 178 0.41 36.03 -3.29
N THR A 179 0.11 35.35 -4.39
CA THR A 179 0.68 34.05 -4.66
C THR A 179 1.46 34.19 -5.99
N PRO A 180 2.45 33.34 -6.19
CA PRO A 180 3.40 33.44 -7.27
C PRO A 180 2.78 33.19 -8.61
N PHE A 181 1.71 32.38 -8.56
CA PHE A 181 0.91 32.04 -9.72
C PHE A 181 -0.53 32.47 -9.44
N ILE A 182 -1.22 32.80 -10.50
CA ILE A 182 -2.58 33.30 -10.57
C ILE A 182 -3.25 32.84 -11.85
N ASN A 183 -4.37 32.06 -11.78
CA ASN A 183 -4.97 31.59 -13.01
C ASN A 183 -4.08 30.71 -13.88
N GLY A 184 -3.14 29.99 -13.26
CA GLY A 184 -2.23 29.10 -13.96
C GLY A 184 -1.20 29.87 -14.79
N VAL A 185 -0.92 31.12 -14.47
CA VAL A 185 0.11 31.93 -15.08
C VAL A 185 0.95 32.71 -14.03
N GLY A 186 2.20 33.07 -14.33
CA GLY A 186 3.00 33.82 -13.38
C GLY A 186 2.40 35.16 -12.97
N ASN A 187 2.34 35.41 -11.65
CA ASN A 187 1.73 36.66 -11.12
C ASN A 187 2.72 37.81 -11.21
N ILE A 188 3.16 38.12 -12.43
CA ILE A 188 4.11 39.17 -12.71
C ILE A 188 3.86 40.46 -11.96
N LYS A 189 2.62 40.95 -11.83
CA LYS A 189 2.48 42.23 -11.09
C LYS A 189 2.31 42.11 -9.59
N GLY A 190 2.34 40.90 -9.06
CA GLY A 190 2.28 40.73 -7.61
C GLY A 190 0.92 41.18 -7.06
N GLN A 191 -0.15 40.93 -7.76
CA GLN A 191 -1.49 41.23 -7.31
C GLN A 191 -1.97 40.24 -6.23
N GLY A 192 -2.82 40.68 -5.34
CA GLY A 192 -3.42 39.74 -4.36
C GLY A 192 -4.49 38.89 -5.09
N VAL A 193 -4.66 37.63 -4.80
CA VAL A 193 -5.51 36.73 -5.61
C VAL A 193 -6.84 36.54 -4.88
N CYS A 194 -7.87 37.27 -5.33
CA CYS A 194 -9.14 37.33 -4.67
C CYS A 194 -10.33 36.65 -5.32
N CYS A 195 -11.23 36.24 -4.39
CA CYS A 195 -12.51 35.67 -4.79
C CYS A 195 -13.41 35.38 -3.60
N ASN A 196 -14.69 35.38 -3.85
CA ASN A 196 -15.73 35.06 -2.88
C ASN A 196 -15.43 33.64 -2.35
N GLU A 197 -15.62 33.44 -1.07
CA GLU A 197 -15.26 32.28 -0.26
C GLU A 197 -16.44 31.99 0.70
N LEU A 198 -16.89 30.73 0.79
CA LEU A 198 -17.86 30.23 1.75
C LEU A 198 -17.19 29.20 2.69
N ASP A 199 -16.84 29.63 3.91
CA ASP A 199 -16.20 28.68 4.84
C ASP A 199 -17.29 27.88 5.56
N ILE A 200 -17.66 26.74 5.04
CA ILE A 200 -18.70 25.95 5.67
C ILE A 200 -18.18 25.41 7.00
N TRP A 201 -16.99 24.79 6.90
CA TRP A 201 -16.38 24.18 8.06
C TRP A 201 -14.92 24.56 8.28
N GLU A 202 -14.60 25.13 9.43
CA GLU A 202 -13.23 25.41 9.88
C GLU A 202 -13.11 24.96 11.35
N ALA A 203 -12.33 23.93 11.66
CA ALA A 203 -12.40 23.37 12.98
C ALA A 203 -11.25 22.49 13.45
N ASN A 204 -11.26 22.30 14.78
CA ASN A 204 -10.48 21.22 15.36
C ASN A 204 -11.39 20.49 16.35
N SER A 205 -10.91 19.63 17.22
CA SER A 205 -11.75 18.88 18.16
C SER A 205 -12.17 19.79 19.30
N ARG A 206 -11.65 21.02 19.41
CA ARG A 206 -12.06 21.91 20.50
C ARG A 206 -13.04 23.05 20.14
N ALA A 207 -13.21 23.42 18.89
CA ALA A 207 -14.04 24.50 18.41
C ALA A 207 -14.29 24.45 16.90
N THR A 208 -15.42 24.91 16.44
CA THR A 208 -15.81 24.93 15.07
C THR A 208 -16.30 26.36 14.70
N HIS A 209 -16.21 26.67 13.45
CA HIS A 209 -16.51 27.99 12.96
C HIS A 209 -17.12 27.89 11.55
N ILE A 210 -17.99 28.86 11.32
CA ILE A 210 -18.63 28.96 9.99
C ILE A 210 -18.42 30.41 9.52
N ALA A 211 -18.12 30.58 8.25
CA ALA A 211 -18.03 31.98 7.78
C ALA A 211 -18.07 32.25 6.28
N PRO A 212 -19.14 32.86 5.80
CA PRO A 212 -19.28 33.48 4.52
C PRO A 212 -18.36 34.72 4.37
N HIS A 213 -17.66 34.91 3.29
CA HIS A 213 -16.81 36.03 2.97
C HIS A 213 -17.13 36.53 1.55
N PRO A 214 -18.04 37.45 1.40
CA PRO A 214 -18.39 38.08 0.14
C PRO A 214 -17.30 39.04 -0.35
N CYS A 215 -17.24 39.28 -1.64
CA CYS A 215 -16.35 40.21 -2.30
C CYS A 215 -17.14 40.98 -3.38
N SER A 216 -16.75 42.22 -3.66
CA SER A 216 -17.41 43.04 -4.62
C SER A 216 -17.03 42.76 -6.06
N LYS A 217 -16.11 41.86 -6.36
CA LYS A 217 -15.72 41.53 -7.74
C LYS A 217 -16.05 40.04 -7.90
N PRO A 218 -16.72 39.73 -8.99
CA PRO A 218 -17.16 38.39 -9.26
C PRO A 218 -16.00 37.52 -9.76
N GLY A 219 -16.04 36.23 -9.46
CA GLY A 219 -14.97 35.33 -9.95
C GLY A 219 -13.58 35.69 -9.40
N LEU A 220 -12.51 35.39 -10.12
CA LEU A 220 -11.17 35.59 -9.54
C LEU A 220 -10.64 36.94 -9.99
N TYR A 221 -10.25 37.83 -9.09
CA TYR A 221 -9.83 39.17 -9.35
C TYR A 221 -8.44 39.48 -8.82
N GLY A 222 -7.56 40.00 -9.68
CA GLY A 222 -6.20 40.34 -9.23
C GLY A 222 -6.20 41.73 -8.57
N CYS A 223 -6.05 41.88 -7.27
CA CYS A 223 -6.17 43.19 -6.65
C CYS A 223 -4.84 43.96 -6.57
N THR A 224 -4.96 45.30 -6.51
CA THR A 224 -3.73 46.08 -6.30
C THR A 224 -3.91 47.13 -5.23
N GLY A 225 -2.90 47.53 -4.50
CA GLY A 225 -3.00 48.52 -3.45
C GLY A 225 -4.15 48.28 -2.48
N ASP A 226 -4.96 49.28 -2.24
CA ASP A 226 -6.05 49.33 -1.28
C ASP A 226 -7.13 48.31 -1.56
N GLU A 227 -7.24 47.90 -2.82
CA GLU A 227 -8.13 46.77 -3.13
C GLU A 227 -7.84 45.53 -2.27
N CYS A 228 -6.58 45.22 -1.96
CA CYS A 228 -6.19 44.02 -1.23
C CYS A 228 -6.36 44.10 0.30
N GLY A 229 -6.56 45.31 0.88
CA GLY A 229 -6.62 45.44 2.30
C GLY A 229 -7.97 45.32 2.97
N SER A 230 -7.95 45.77 4.22
CA SER A 230 -9.09 45.86 5.10
C SER A 230 -10.25 46.73 4.65
N SER A 231 -10.04 47.66 3.73
CA SER A 231 -11.14 48.44 3.16
C SER A 231 -11.27 48.13 1.67
N GLY A 232 -10.94 46.90 1.30
CA GLY A 232 -10.80 46.50 -0.07
C GLY A 232 -12.03 45.86 -0.65
N ILE A 233 -11.79 44.97 -1.61
CA ILE A 233 -12.85 44.32 -2.35
C ILE A 233 -13.37 43.07 -1.66
N CYS A 234 -12.61 42.48 -0.75
CA CYS A 234 -13.05 41.27 -0.08
C CYS A 234 -13.22 41.39 1.44
N ASP A 235 -14.19 40.64 1.97
CA ASP A 235 -14.40 40.57 3.41
C ASP A 235 -13.45 39.60 4.11
N LYS A 236 -12.25 39.97 4.53
CA LYS A 236 -11.28 39.10 5.16
C LYS A 236 -11.77 38.38 6.42
N ALA A 237 -12.38 39.17 7.32
CA ALA A 237 -12.87 38.59 8.57
C ALA A 237 -14.04 37.65 8.34
N GLY A 238 -14.95 37.88 7.36
CA GLY A 238 -16.12 37.03 7.28
C GLY A 238 -17.14 37.45 8.39
N CYS A 239 -18.36 36.95 8.31
CA CYS A 239 -19.44 37.06 9.24
C CYS A 239 -19.49 35.68 10.00
N GLY A 240 -18.96 35.56 11.19
CA GLY A 240 -18.71 34.32 11.84
C GLY A 240 -19.75 33.67 12.72
N TRP A 241 -19.80 32.32 12.72
CA TRP A 241 -20.66 31.62 13.67
C TRP A 241 -19.83 30.55 14.38
N ASN A 242 -19.69 30.81 15.67
CA ASN A 242 -18.93 29.93 16.58
C ASN A 242 -19.76 29.84 17.88
N HIS A 243 -20.28 28.69 18.26
CA HIS A 243 -21.00 28.50 19.48
C HIS A 243 -20.31 29.17 20.66
N ASN A 244 -18.98 29.05 20.89
CA ASN A 244 -18.38 29.72 22.02
C ASN A 244 -18.55 31.23 22.01
N ARG A 245 -18.46 31.88 20.86
CA ARG A 245 -18.55 33.30 20.77
C ARG A 245 -19.95 33.80 21.09
N ILE A 246 -20.97 32.96 20.92
CA ILE A 246 -22.31 33.40 21.26
C ILE A 246 -22.73 32.78 22.60
N ASN A 247 -21.70 32.39 23.34
CA ASN A 247 -21.76 31.92 24.69
C ASN A 247 -22.54 30.65 24.92
N VAL A 248 -22.38 29.68 24.03
CA VAL A 248 -22.94 28.34 24.27
C VAL A 248 -21.72 27.43 24.33
N THR A 249 -20.98 27.41 25.43
CA THR A 249 -19.73 26.69 25.56
C THR A 249 -19.79 25.20 25.74
N ASP A 250 -20.87 24.52 25.81
CA ASP A 250 -21.06 23.10 25.99
C ASP A 250 -21.69 22.47 24.75
N PHE A 251 -21.65 23.20 23.65
CA PHE A 251 -22.27 22.67 22.42
C PHE A 251 -21.39 21.64 21.75
N TYR A 252 -20.13 22.05 21.51
CA TYR A 252 -19.19 21.25 20.72
C TYR A 252 -17.86 21.10 21.42
N GLY A 253 -17.37 19.87 21.49
CA GLY A 253 -16.15 19.54 22.22
C GLY A 253 -15.92 18.06 22.37
N ARG A 254 -14.81 17.72 23.03
CA ARG A 254 -14.34 16.38 23.28
C ARG A 254 -15.10 15.68 24.41
N GLY A 255 -15.80 14.58 24.15
CA GLY A 255 -16.49 13.80 25.18
C GLY A 255 -17.99 13.90 25.34
N LYS A 256 -18.59 13.18 26.28
CA LYS A 256 -20.00 13.15 26.62
C LYS A 256 -20.60 14.45 27.12
N GLN A 257 -19.78 15.37 27.65
CA GLN A 257 -20.24 16.64 28.17
C GLN A 257 -20.65 17.60 27.06
N TYR A 258 -20.49 17.24 25.77
CA TYR A 258 -20.83 18.22 24.72
C TYR A 258 -22.01 17.65 23.92
N LYS A 259 -22.87 18.48 23.39
CA LYS A 259 -23.99 17.98 22.58
C LYS A 259 -23.45 17.30 21.34
N VAL A 260 -22.38 17.78 20.74
CA VAL A 260 -21.77 17.19 19.56
C VAL A 260 -20.36 16.77 20.07
N ASP A 261 -20.14 15.48 20.21
CA ASP A 261 -18.91 14.97 20.73
C ASP A 261 -17.86 14.80 19.62
N SER A 262 -16.84 15.63 19.59
CA SER A 262 -15.82 15.64 18.55
C SER A 262 -14.86 14.46 18.51
N THR A 263 -14.87 13.56 19.50
CA THR A 263 -14.03 12.37 19.46
C THR A 263 -14.61 11.25 18.64
N ARG A 264 -15.89 11.32 18.26
CA ARG A 264 -16.48 10.29 17.42
C ARG A 264 -17.14 10.86 16.16
N LYS A 265 -17.27 10.09 15.13
CA LYS A 265 -17.85 10.55 13.87
C LYS A 265 -19.19 11.26 14.03
N PHE A 266 -19.57 12.23 13.22
CA PHE A 266 -20.84 12.92 13.16
C PHE A 266 -21.08 13.51 11.77
N THR A 267 -22.34 13.88 11.48
CA THR A 267 -22.77 14.43 10.23
C THR A 267 -23.01 15.93 10.36
N VAL A 268 -22.57 16.70 9.37
CA VAL A 268 -22.72 18.15 9.37
C VAL A 268 -23.65 18.60 8.25
N THR A 269 -24.80 19.22 8.55
CA THR A 269 -25.72 19.57 7.45
C THR A 269 -25.85 21.09 7.31
N SER A 270 -25.71 21.59 6.08
CA SER A 270 -25.83 23.04 5.90
C SER A 270 -26.88 23.34 4.82
N GLN A 271 -27.78 24.26 5.24
CA GLN A 271 -28.91 24.59 4.35
C GLN A 271 -28.86 26.09 3.98
N PHE A 272 -28.89 26.33 2.64
CA PHE A 272 -28.71 27.71 2.19
C PHE A 272 -30.02 28.18 1.59
N VAL A 273 -30.70 28.91 2.50
CA VAL A 273 -32.04 29.37 2.22
C VAL A 273 -32.06 30.66 1.42
N ALA A 274 -32.92 30.61 0.41
CA ALA A 274 -33.17 31.73 -0.44
C ALA A 274 -34.59 32.27 -0.40
N ASN A 275 -34.74 33.52 -0.84
CA ASN A 275 -36.10 34.09 -0.99
C ASN A 275 -36.64 33.83 -2.41
N LYS A 276 -37.85 34.29 -2.70
CA LYS A 276 -38.52 34.00 -3.96
C LYS A 276 -37.86 34.63 -5.16
N GLN A 277 -36.99 35.64 -5.01
CA GLN A 277 -36.23 36.17 -6.09
C GLN A 277 -34.91 35.40 -6.30
N GLY A 278 -34.69 34.31 -5.60
CA GLY A 278 -33.52 33.52 -5.63
C GLY A 278 -32.31 34.11 -4.88
N ASP A 279 -32.45 35.12 -4.03
CA ASP A 279 -31.34 35.65 -3.26
C ASP A 279 -31.15 34.77 -2.02
N LEU A 280 -29.90 34.53 -1.63
CA LEU A 280 -29.64 33.81 -0.40
C LEU A 280 -30.07 34.79 0.71
N ILE A 281 -30.72 34.22 1.72
CA ILE A 281 -31.14 35.13 2.81
C ILE A 281 -30.62 34.58 4.15
N GLU A 282 -30.43 33.25 4.26
CA GLU A 282 -29.96 32.79 5.58
C GLU A 282 -29.19 31.50 5.49
N LEU A 283 -28.20 31.21 6.33
CA LEU A 283 -27.45 29.98 6.37
C LEU A 283 -27.80 29.21 7.66
N HIS A 284 -28.38 28.04 7.62
CA HIS A 284 -28.67 27.15 8.70
C HIS A 284 -27.70 25.97 8.84
N ARG A 285 -27.66 25.35 10.03
CA ARG A 285 -26.82 24.22 10.31
C ARG A 285 -27.49 23.35 11.34
N HIS A 286 -27.40 22.02 11.19
CA HIS A 286 -27.72 21.09 12.25
C HIS A 286 -26.76 19.90 12.15
N TYR A 287 -26.71 19.08 13.17
CA TYR A 287 -25.82 17.95 13.29
C TYR A 287 -26.60 16.65 13.47
N ILE A 288 -25.98 15.54 13.08
CA ILE A 288 -26.55 14.23 13.34
C ILE A 288 -25.41 13.35 13.94
N GLN A 289 -25.65 12.78 15.12
CA GLN A 289 -24.66 11.95 15.78
C GLN A 289 -25.48 10.88 16.50
N ASP A 290 -25.01 9.63 16.44
CA ASP A 290 -25.69 8.49 17.05
C ASP A 290 -27.10 8.37 16.50
N ASN A 291 -27.38 8.75 15.26
CA ASN A 291 -28.72 8.75 14.74
C ASN A 291 -29.75 9.76 15.24
N LYS A 292 -29.31 10.83 15.88
CA LYS A 292 -30.18 11.82 16.45
C LYS A 292 -29.84 13.21 15.91
N VAL A 293 -30.85 13.93 15.44
CA VAL A 293 -30.62 15.30 15.00
C VAL A 293 -30.25 16.16 16.18
N ILE A 294 -29.20 16.98 16.06
CA ILE A 294 -28.83 17.93 17.08
C ILE A 294 -28.94 19.31 16.42
N GLU A 295 -29.76 20.14 17.02
CA GLU A 295 -29.95 21.48 16.55
C GLU A 295 -28.89 22.47 17.02
N SER A 296 -28.52 23.45 16.21
CA SER A 296 -27.61 24.50 16.61
C SER A 296 -28.37 25.30 17.70
N ALA A 297 -27.70 25.93 18.61
CA ALA A 297 -28.23 26.66 19.71
C ALA A 297 -28.43 28.14 19.35
N VAL A 298 -29.40 28.71 20.08
CA VAL A 298 -29.69 30.14 19.96
C VAL A 298 -28.55 30.97 20.53
N VAL A 299 -28.37 32.14 19.97
CA VAL A 299 -27.46 33.16 20.50
C VAL A 299 -27.73 33.32 21.99
N ASN A 300 -26.69 33.28 22.81
CA ASN A 300 -26.85 33.34 24.24
C ASN A 300 -26.14 34.58 24.84
N ILE A 301 -25.98 35.61 24.01
CA ILE A 301 -25.49 36.87 24.56
C ILE A 301 -26.53 37.95 24.21
N SER A 302 -26.50 39.08 24.85
CA SER A 302 -27.33 40.22 24.48
C SER A 302 -26.85 41.00 23.26
N GLY A 303 -27.78 41.46 22.44
CA GLY A 303 -27.43 42.22 21.25
C GLY A 303 -28.01 41.66 19.95
N PRO A 304 -27.39 40.62 19.41
CA PRO A 304 -27.80 39.92 18.21
C PRO A 304 -29.19 39.34 18.39
N PRO A 305 -29.87 39.10 17.28
CA PRO A 305 -31.18 38.46 17.28
C PRO A 305 -31.09 37.07 17.90
N LYS A 306 -32.06 36.67 18.71
CA LYS A 306 -32.03 35.36 19.32
C LYS A 306 -32.41 34.27 18.34
N ILE A 307 -31.54 33.90 17.41
CA ILE A 307 -31.70 32.87 16.40
C ILE A 307 -30.46 31.99 16.45
N ASN A 308 -30.44 30.88 15.79
CA ASN A 308 -29.45 29.87 15.65
C ASN A 308 -28.93 29.78 14.21
N PHE A 309 -29.12 30.81 13.37
CA PHE A 309 -28.58 30.75 12.01
C PHE A 309 -27.97 32.10 11.60
N ILE A 310 -27.29 32.20 10.44
CA ILE A 310 -26.75 33.46 9.99
C ILE A 310 -27.70 34.20 9.02
N ASN A 311 -27.82 35.51 9.22
CA ASN A 311 -28.51 36.43 8.34
C ASN A 311 -27.89 37.83 8.50
N ASP A 312 -28.21 38.79 7.66
CA ASP A 312 -27.63 40.13 7.71
C ASP A 312 -27.77 40.81 9.07
N LYS A 313 -28.94 40.72 9.68
CA LYS A 313 -29.18 41.28 11.01
C LYS A 313 -28.19 40.77 12.06
N TYR A 314 -28.06 39.45 12.14
CA TYR A 314 -27.08 38.83 13.00
C TYR A 314 -25.68 39.33 12.67
N CYS A 315 -25.36 39.42 11.38
CA CYS A 315 -24.01 39.85 11.03
C CYS A 315 -23.83 41.30 11.42
N ALA A 316 -24.78 42.20 11.13
CA ALA A 316 -24.62 43.60 11.54
C ALA A 316 -24.51 43.72 13.10
N ALA A 317 -25.40 43.06 13.83
CA ALA A 317 -25.37 43.04 15.26
C ALA A 317 -24.10 42.40 15.86
N THR A 318 -23.31 41.63 15.15
CA THR A 318 -22.11 41.08 15.78
C THR A 318 -20.85 41.74 15.19
N GLY A 319 -20.98 42.95 14.68
CA GLY A 319 -19.85 43.67 14.14
C GLY A 319 -19.28 43.28 12.79
N ALA A 320 -20.01 42.59 11.90
CA ALA A 320 -19.38 42.22 10.62
C ALA A 320 -19.52 43.34 9.60
N ASN A 321 -18.85 44.45 9.88
CA ASN A 321 -18.90 45.65 9.09
C ASN A 321 -18.38 45.54 7.66
N GLU A 322 -17.36 44.78 7.31
CA GLU A 322 -16.92 44.69 5.90
C GLU A 322 -17.89 43.81 5.13
N TYR A 323 -18.43 42.80 5.83
CA TYR A 323 -19.46 41.92 5.26
C TYR A 323 -20.67 42.69 4.79
N MET A 324 -21.25 43.55 5.58
CA MET A 324 -22.39 44.41 5.20
C MET A 324 -22.02 45.44 4.15
N ARG A 325 -20.88 46.11 4.23
CA ARG A 325 -20.43 47.05 3.25
C ARG A 325 -20.30 46.47 1.83
N LEU A 326 -19.79 45.22 1.78
CA LEU A 326 -19.56 44.61 0.47
C LEU A 326 -20.77 43.90 -0.08
N GLY A 327 -21.97 44.06 0.42
CA GLY A 327 -23.15 43.40 -0.12
C GLY A 327 -23.77 42.36 0.78
N GLY A 328 -23.10 41.89 1.83
CA GLY A 328 -23.68 40.95 2.75
C GLY A 328 -24.18 39.63 2.17
N THR A 329 -25.16 39.00 2.74
CA THR A 329 -25.59 37.63 2.46
C THR A 329 -25.99 37.44 0.99
N LYS A 330 -26.61 38.44 0.40
CA LYS A 330 -27.04 38.47 -0.96
C LYS A 330 -25.83 38.33 -1.90
N GLN A 331 -24.83 39.15 -1.77
CA GLN A 331 -23.57 39.09 -2.47
C GLN A 331 -22.93 37.73 -2.27
N MET A 332 -22.91 37.20 -1.04
CA MET A 332 -22.42 35.81 -0.88
C MET A 332 -23.18 34.85 -1.79
N GLY A 333 -24.52 34.95 -1.82
CA GLY A 333 -25.36 34.02 -2.54
C GLY A 333 -25.20 34.12 -4.06
N ASP A 334 -24.87 35.32 -4.51
CA ASP A 334 -24.68 35.54 -5.95
C ASP A 334 -23.49 34.76 -6.49
N ALA A 335 -22.34 34.77 -5.77
CA ALA A 335 -21.23 33.87 -6.05
C ALA A 335 -21.62 32.40 -5.86
N MET A 336 -22.42 32.04 -4.88
CA MET A 336 -22.84 30.64 -4.73
C MET A 336 -23.71 30.22 -5.92
N SER A 337 -24.47 31.20 -6.48
CA SER A 337 -25.34 30.81 -7.61
C SER A 337 -24.54 30.70 -8.90
N ARG A 338 -23.47 31.44 -9.11
CA ARG A 338 -22.69 31.37 -10.33
C ARG A 338 -21.94 30.05 -10.41
N GLY A 339 -21.50 29.54 -9.26
CA GLY A 339 -20.93 28.20 -9.12
C GLY A 339 -19.60 28.36 -8.39
N MET A 340 -19.21 27.42 -7.52
CA MET A 340 -17.97 27.53 -6.79
C MET A 340 -17.27 26.19 -6.65
N VAL A 341 -15.98 26.17 -6.39
CA VAL A 341 -15.22 24.91 -6.25
C VAL A 341 -15.17 24.55 -4.79
N LEU A 342 -15.29 23.24 -4.56
CA LEU A 342 -15.15 22.70 -3.22
C LEU A 342 -13.66 22.45 -2.92
N ALA A 343 -13.17 22.93 -1.79
CA ALA A 343 -11.82 22.71 -1.32
C ALA A 343 -11.84 22.04 0.06
N MET A 344 -10.90 21.13 0.31
CA MET A 344 -10.70 20.44 1.58
C MET A 344 -9.22 20.49 1.93
N SER A 345 -8.94 20.81 3.18
CA SER A 345 -7.57 20.98 3.64
C SER A 345 -7.38 20.83 5.14
N VAL A 346 -6.16 20.56 5.60
CA VAL A 346 -5.68 20.42 6.92
C VAL A 346 -4.48 21.41 7.08
N TRP A 347 -4.40 22.18 8.14
CA TRP A 347 -3.29 23.10 8.34
C TRP A 347 -3.17 23.58 9.77
N TRP A 348 -2.01 24.21 10.10
CA TRP A 348 -1.86 24.89 11.37
C TRP A 348 -1.26 26.28 11.09
N SER A 349 -0.98 27.03 12.17
CA SER A 349 -0.40 28.36 11.99
C SER A 349 0.78 28.70 12.88
N GLU A 350 1.84 29.15 12.31
CA GLU A 350 3.03 29.56 13.05
C GLU A 350 2.96 30.95 13.69
N GLY A 351 2.06 31.83 13.27
CA GLY A 351 1.92 33.14 13.85
C GLY A 351 0.89 33.21 15.01
N ASP A 352 -0.39 33.27 14.64
CA ASP A 352 -1.47 33.37 15.60
C ASP A 352 -1.87 32.06 16.24
N PHE A 353 -1.45 30.90 15.80
CA PHE A 353 -1.72 29.59 16.35
C PHE A 353 -3.18 29.21 16.22
N MET A 354 -3.85 29.79 15.21
CA MET A 354 -5.29 29.60 15.06
C MET A 354 -6.06 30.14 16.28
N ALA A 355 -5.59 31.16 17.02
CA ALA A 355 -6.25 31.70 18.19
C ALA A 355 -7.69 32.15 17.94
N TRP A 356 -8.01 32.65 16.77
CA TRP A 356 -9.35 33.16 16.47
C TRP A 356 -10.39 32.03 16.42
N LEU A 357 -9.96 30.80 16.19
CA LEU A 357 -10.80 29.60 16.12
C LEU A 357 -11.10 29.02 17.50
N ASP A 358 -10.11 28.92 18.39
CA ASP A 358 -10.23 28.17 19.61
C ASP A 358 -9.71 28.73 20.90
N GLN A 359 -9.36 29.97 21.02
CA GLN A 359 -8.88 30.63 22.26
C GLN A 359 -9.79 31.69 22.81
N GLY A 360 -9.76 31.98 24.07
CA GLY A 360 -10.52 33.10 24.70
C GLY A 360 -12.00 32.93 24.51
N VAL A 361 -12.66 33.91 23.87
CA VAL A 361 -14.09 33.70 23.57
C VAL A 361 -14.38 32.67 22.50
N ALA A 362 -13.43 32.20 21.72
CA ALA A 362 -13.63 31.17 20.70
C ALA A 362 -13.51 29.73 21.21
N GLY A 363 -12.99 29.41 22.38
CA GLY A 363 -12.81 28.04 22.82
C GLY A 363 -11.88 27.95 24.03
N PRO A 364 -11.44 26.77 24.42
CA PRO A 364 -10.75 26.45 25.64
C PRO A 364 -9.25 26.25 25.57
N CYS A 365 -8.60 26.63 24.52
CA CYS A 365 -7.17 26.47 24.33
C CYS A 365 -6.48 27.68 24.99
N ASP A 366 -5.35 27.39 25.63
CA ASP A 366 -4.57 28.45 26.25
C ASP A 366 -3.81 29.12 25.08
N ALA A 367 -2.93 30.04 25.48
CA ALA A 367 -2.17 30.84 24.56
C ALA A 367 -1.06 30.09 23.85
N THR A 368 -0.57 28.94 24.24
CA THR A 368 0.57 28.33 23.56
C THR A 368 0.49 26.89 23.17
N GLU A 369 -0.46 26.11 23.65
CA GLU A 369 -0.60 24.71 23.28
C GLU A 369 -0.81 24.50 21.78
N GLY A 370 -1.41 25.42 21.03
CA GLY A 370 -1.64 25.38 19.62
C GLY A 370 -0.46 25.83 18.75
N ASP A 371 0.69 26.07 19.31
CA ASP A 371 1.96 26.22 18.59
C ASP A 371 2.28 24.84 18.00
N PRO A 372 2.69 24.72 16.77
CA PRO A 372 2.98 23.49 16.08
C PRO A 372 3.94 22.62 16.87
N LYS A 373 4.93 23.18 17.55
CA LYS A 373 5.83 22.40 18.37
C LYS A 373 5.05 21.78 19.54
N ASN A 374 4.06 22.44 20.13
CA ASN A 374 3.22 21.73 21.13
C ASN A 374 2.12 20.87 20.51
N ILE A 375 1.58 21.23 19.34
CA ILE A 375 0.57 20.34 18.72
C ILE A 375 1.07 18.92 18.57
N VAL A 376 2.27 18.71 18.05
CA VAL A 376 2.77 17.34 17.80
C VAL A 376 3.07 16.56 19.11
N LYS A 377 3.23 17.20 20.26
CA LYS A 377 3.30 16.49 21.52
C LYS A 377 1.91 16.07 22.03
N VAL A 378 0.80 16.68 21.64
CA VAL A 378 -0.50 16.20 22.03
C VAL A 378 -0.91 15.10 21.05
N GLN A 379 -0.57 15.31 19.77
CA GLN A 379 -0.97 14.37 18.72
C GLN A 379 0.08 14.38 17.61
N PRO A 380 0.95 13.40 17.62
CA PRO A 380 2.06 13.26 16.72
C PRO A 380 1.62 13.33 15.27
N ASN A 381 0.47 12.72 14.94
CA ASN A 381 0.02 12.70 13.55
C ASN A 381 -1.42 13.19 13.44
N PRO A 382 -1.51 14.50 13.54
CA PRO A 382 -2.77 15.19 13.31
C PRO A 382 -3.28 14.92 11.89
N GLU A 383 -4.55 14.55 11.77
CA GLU A 383 -5.23 14.19 10.55
C GLU A 383 -6.74 14.40 10.69
N VAL A 384 -7.42 14.40 9.55
CA VAL A 384 -8.87 14.54 9.49
C VAL A 384 -9.46 13.78 8.31
N THR A 385 -10.63 13.15 8.49
CA THR A 385 -11.32 12.45 7.38
C THR A 385 -12.72 13.01 7.10
N PHE A 386 -12.96 13.47 5.92
CA PHE A 386 -14.23 13.96 5.39
C PHE A 386 -14.84 12.86 4.52
N SER A 387 -16.09 12.48 4.62
CA SER A 387 -16.69 11.42 3.81
C SER A 387 -18.19 11.59 3.55
N ASN A 388 -18.75 10.69 2.76
CA ASN A 388 -20.20 10.76 2.56
C ASN A 388 -20.77 12.11 2.23
N ILE A 389 -20.30 12.76 1.21
CA ILE A 389 -20.69 14.07 0.76
C ILE A 389 -21.93 13.94 -0.17
N ARG A 390 -22.99 14.64 0.27
CA ARG A 390 -24.26 14.51 -0.42
C ARG A 390 -24.83 15.90 -0.57
N ILE A 391 -25.15 16.24 -1.82
CA ILE A 391 -25.64 17.52 -2.20
C ILE A 391 -27.00 17.40 -2.87
N GLY A 392 -27.84 18.45 -2.67
CA GLY A 392 -29.17 18.37 -3.25
C GLY A 392 -30.21 19.13 -2.47
N GLU A 393 -31.47 18.74 -2.61
CA GLU A 393 -32.62 19.46 -2.11
C GLU A 393 -32.64 19.48 -0.59
N ILE A 394 -33.01 20.64 -0.11
CA ILE A 394 -33.20 20.78 1.35
C ILE A 394 -34.14 19.70 1.86
N GLY A 395 -33.74 19.06 2.94
CA GLY A 395 -34.51 17.95 3.48
C GLY A 395 -34.09 16.63 2.87
N SER A 396 -33.31 16.59 1.80
CA SER A 396 -32.97 15.26 1.28
C SER A 396 -31.60 14.65 1.57
N THR A 397 -30.57 15.34 2.05
CA THR A 397 -29.22 14.81 2.15
C THR A 397 -28.82 14.06 3.41
N SER A 398 -29.60 14.18 4.46
CA SER A 398 -29.32 13.47 5.71
C SER A 398 -30.63 13.18 6.39
N SER A 399 -30.62 12.41 7.45
CA SER A 399 -31.91 12.10 8.08
C SER A 399 -31.79 10.94 9.05
N VAL A 400 -32.67 10.99 10.03
CA VAL A 400 -32.81 9.99 11.09
C VAL A 400 -33.73 8.85 10.71
N PCA B 1 26.08 -22.30 -19.11
CA PCA B 1 27.37 -23.01 -19.15
CB PCA B 1 27.67 -23.31 -17.65
CG PCA B 1 26.29 -23.70 -17.16
CD PCA B 1 25.37 -22.83 -18.07
OE PCA B 1 24.32 -22.27 -17.65
C PCA B 1 27.24 -24.28 -19.98
O PCA B 1 26.18 -25.00 -19.92
N THR B 2 28.28 -24.94 -20.65
CA THR B 2 28.60 -26.20 -21.39
C THR B 2 29.02 -27.36 -20.51
N PRO B 3 28.14 -28.32 -20.39
CA PRO B 3 28.43 -29.57 -19.70
C PRO B 3 29.69 -30.19 -20.33
N ASP B 4 30.51 -30.78 -19.47
CA ASP B 4 31.61 -31.59 -19.97
C ASP B 4 31.05 -32.94 -20.41
N LYS B 5 31.94 -33.91 -20.55
CA LYS B 5 31.55 -35.26 -21.00
C LYS B 5 31.59 -36.30 -19.90
N ALA B 6 31.80 -35.91 -18.66
CA ALA B 6 31.80 -36.89 -17.56
C ALA B 6 30.42 -37.52 -17.44
N LYS B 7 30.29 -38.72 -16.89
CA LYS B 7 28.98 -39.36 -16.80
C LYS B 7 28.13 -38.80 -15.67
N GLU B 8 26.88 -38.44 -15.91
CA GLU B 8 26.08 -37.97 -14.74
C GLU B 8 25.37 -39.17 -14.15
N GLN B 9 25.33 -39.39 -12.86
CA GLN B 9 24.66 -40.57 -12.29
C GLN B 9 23.67 -40.10 -11.24
N HIS B 10 22.51 -39.62 -11.68
CA HIS B 10 21.47 -39.17 -10.79
C HIS B 10 20.96 -40.27 -9.87
N PRO B 11 20.86 -39.94 -8.61
CA PRO B 11 20.32 -40.84 -7.60
C PRO B 11 18.87 -41.19 -7.99
N LYS B 12 18.48 -42.43 -7.94
CA LYS B 12 17.13 -42.91 -8.26
C LYS B 12 16.22 -42.74 -7.05
N LEU B 13 15.02 -42.20 -7.22
CA LEU B 13 14.08 -42.00 -6.12
C LEU B 13 12.70 -42.54 -6.48
N GLU B 14 12.26 -43.54 -5.79
CA GLU B 14 10.88 -44.06 -5.99
C GLU B 14 9.82 -43.13 -5.41
N THR B 15 8.83 -42.72 -6.16
CA THR B 15 7.73 -41.89 -5.65
C THR B 15 6.38 -42.56 -6.01
N TYR B 16 5.23 -41.99 -5.59
CA TYR B 16 3.98 -42.72 -5.76
C TYR B 16 2.94 -41.77 -6.35
N ARG B 17 2.02 -42.34 -7.10
CA ARG B 17 0.89 -41.54 -7.64
C ARG B 17 -0.40 -42.21 -7.16
N CYS B 18 -1.34 -41.48 -6.59
CA CYS B 18 -2.47 -42.07 -5.88
C CYS B 18 -3.87 -41.60 -6.30
N THR B 19 -4.81 -42.55 -6.23
CA THR B 19 -6.20 -42.33 -6.50
C THR B 19 -7.00 -43.00 -5.36
N LYS B 20 -8.18 -42.43 -5.11
CA LYS B 20 -9.08 -43.03 -4.12
C LYS B 20 -9.48 -44.44 -4.55
N ALA B 21 -9.78 -44.57 -5.83
CA ALA B 21 -10.11 -45.85 -6.41
C ALA B 21 -9.01 -46.89 -6.27
N SER B 22 -7.89 -46.78 -6.94
CA SER B 22 -6.89 -47.85 -6.83
C SER B 22 -5.68 -47.68 -5.96
N GLY B 23 -5.63 -46.77 -5.00
CA GLY B 23 -4.42 -46.69 -4.16
C GLY B 23 -3.30 -45.93 -4.83
N CYS B 24 -2.10 -46.19 -4.33
CA CYS B 24 -0.87 -45.54 -4.72
C CYS B 24 -0.07 -46.50 -5.56
N LYS B 25 0.33 -46.07 -6.74
CA LYS B 25 1.22 -46.85 -7.60
C LYS B 25 2.66 -46.31 -7.60
N LYS B 26 3.66 -47.15 -7.35
CA LYS B 26 5.04 -46.74 -7.36
C LYS B 26 5.50 -46.36 -8.77
N GLN B 27 6.41 -45.39 -8.86
CA GLN B 27 7.06 -45.07 -10.14
C GLN B 27 8.49 -44.57 -9.86
N THR B 28 9.32 -44.68 -10.88
CA THR B 28 10.72 -44.30 -10.80
C THR B 28 10.93 -42.84 -11.17
N ASN B 29 11.57 -42.06 -10.31
CA ASN B 29 12.00 -40.69 -10.60
C ASN B 29 13.52 -40.55 -10.35
N TYR B 30 14.11 -39.42 -10.72
CA TYR B 30 15.53 -39.21 -10.52
C TYR B 30 15.77 -37.84 -9.85
N ILE B 31 16.88 -37.67 -9.13
CA ILE B 31 17.15 -36.43 -8.42
C ILE B 31 18.37 -35.77 -9.09
N VAL B 32 18.37 -34.45 -9.21
CA VAL B 32 19.44 -33.72 -9.86
C VAL B 32 19.91 -32.54 -9.01
N ALA B 33 21.24 -32.40 -8.93
CA ALA B 33 21.69 -31.23 -8.15
C ALA B 33 21.56 -29.96 -9.01
N ASP B 34 21.37 -28.82 -8.38
CA ASP B 34 21.32 -27.59 -9.09
C ASP B 34 22.58 -27.49 -9.97
N ALA B 35 22.44 -26.80 -11.10
CA ALA B 35 23.55 -26.58 -12.01
C ALA B 35 24.77 -26.04 -11.25
N GLY B 36 24.61 -25.04 -10.37
CA GLY B 36 25.77 -24.50 -9.69
C GLY B 36 26.52 -25.52 -8.80
N ILE B 37 25.87 -26.54 -8.22
CA ILE B 37 26.58 -27.49 -7.33
C ILE B 37 27.50 -28.46 -8.08
N HIS B 38 27.16 -28.73 -9.33
CA HIS B 38 27.93 -29.45 -10.27
C HIS B 38 29.34 -28.83 -10.40
N GLY B 39 29.57 -27.53 -10.22
CA GLY B 39 30.83 -26.86 -10.44
C GLY B 39 30.79 -26.30 -11.88
N ILE B 40 30.85 -24.99 -11.99
CA ILE B 40 30.82 -24.21 -13.18
C ILE B 40 32.09 -23.31 -13.15
N ARG B 41 32.95 -23.64 -14.13
CA ARG B 41 34.25 -22.99 -14.08
C ARG B 41 34.92 -22.67 -15.40
N GLN B 42 35.89 -21.79 -15.38
CA GLN B 42 36.65 -21.46 -16.57
C GLN B 42 37.79 -22.48 -16.66
N LYS B 43 38.50 -22.53 -17.74
CA LYS B 43 39.64 -23.40 -18.00
C LYS B 43 40.82 -23.05 -17.12
N ASN B 44 40.97 -21.85 -16.55
CA ASN B 44 42.03 -21.57 -15.62
C ASN B 44 41.57 -21.76 -14.17
N GLY B 45 40.47 -22.47 -13.93
CA GLY B 45 39.96 -22.69 -12.61
C GLY B 45 39.15 -21.53 -12.02
N ALA B 46 39.16 -20.28 -12.47
CA ALA B 46 38.29 -19.27 -11.84
C ALA B 46 36.79 -19.64 -12.03
N GLY B 47 35.89 -19.24 -11.12
CA GLY B 47 34.47 -19.53 -11.31
C GLY B 47 33.97 -18.56 -12.42
N CYS B 48 32.71 -18.74 -12.80
CA CYS B 48 32.06 -17.79 -13.69
C CYS B 48 31.20 -16.75 -12.98
N GLY B 49 31.30 -16.63 -11.66
CA GLY B 49 30.59 -15.57 -10.98
C GLY B 49 29.87 -16.02 -9.73
N ASP B 50 29.69 -15.15 -8.78
CA ASP B 50 29.08 -15.36 -7.51
C ASP B 50 27.59 -14.96 -7.48
N TRP B 51 26.94 -15.65 -6.56
CA TRP B 51 25.54 -15.48 -6.28
C TRP B 51 25.29 -14.02 -6.00
N GLY B 52 24.37 -13.34 -6.66
CA GLY B 52 24.17 -11.94 -6.33
C GLY B 52 24.66 -11.02 -7.42
N GLN B 53 25.28 -11.59 -8.46
CA GLN B 53 25.86 -10.70 -9.48
C GLN B 53 25.78 -11.28 -10.88
N LYS B 54 26.15 -10.41 -11.81
CA LYS B 54 26.36 -10.78 -13.23
C LYS B 54 27.51 -11.78 -13.35
N PRO B 55 27.56 -12.61 -14.34
CA PRO B 55 28.65 -13.58 -14.54
C PRO B 55 29.95 -12.80 -14.83
N ASN B 56 31.11 -13.42 -14.57
CA ASN B 56 32.42 -12.82 -14.78
C ASN B 56 32.50 -12.14 -16.14
N ALA B 57 32.88 -10.86 -16.09
CA ALA B 57 32.78 -10.04 -17.33
C ALA B 57 33.81 -10.44 -18.39
N THR B 58 34.94 -10.99 -17.94
CA THR B 58 35.91 -11.43 -18.93
C THR B 58 35.50 -12.74 -19.55
N ALA B 59 34.93 -13.67 -18.86
CA ALA B 59 34.48 -14.91 -19.47
C ALA B 59 33.12 -14.71 -20.15
N CYS B 60 32.33 -13.73 -19.74
CA CYS B 60 30.96 -13.58 -20.24
C CYS B 60 30.58 -12.18 -20.65
N PRO B 61 31.22 -11.65 -21.69
CA PRO B 61 30.93 -10.37 -22.27
C PRO B 61 29.62 -10.43 -23.05
N ASP B 62 29.26 -11.62 -23.49
CA ASP B 62 28.05 -11.91 -24.18
C ASP B 62 27.69 -13.38 -23.97
N GLU B 63 26.54 -13.77 -24.45
CA GLU B 63 26.01 -15.08 -24.22
C GLU B 63 26.77 -16.23 -24.84
N ALA B 64 27.17 -16.01 -26.11
CA ALA B 64 27.82 -17.08 -26.83
C ALA B 64 29.18 -17.35 -26.13
N SER B 65 29.95 -16.36 -25.73
CA SER B 65 31.21 -16.50 -25.08
C SER B 65 31.15 -17.16 -23.71
N CYS B 66 30.10 -16.83 -22.99
CA CYS B 66 29.83 -17.37 -21.67
C CYS B 66 29.63 -18.88 -21.74
N ALA B 67 28.94 -19.35 -22.77
CA ALA B 67 28.68 -20.77 -22.97
C ALA B 67 30.01 -21.49 -23.37
N LYS B 68 30.75 -20.84 -24.27
CA LYS B 68 32.05 -21.32 -24.64
C LYS B 68 32.96 -21.40 -23.40
N ASN B 69 33.15 -20.37 -22.59
CA ASN B 69 34.09 -20.32 -21.49
C ASN B 69 33.72 -20.84 -20.12
N CYS B 70 32.43 -21.16 -19.94
CA CYS B 70 32.02 -21.67 -18.62
C CYS B 70 31.62 -23.13 -18.76
N ILE B 71 32.44 -24.04 -18.24
CA ILE B 71 32.15 -25.45 -18.28
C ILE B 71 31.51 -25.98 -17.01
N LEU B 72 30.51 -26.82 -17.25
CA LEU B 72 29.78 -27.48 -16.17
C LEU B 72 30.19 -28.94 -16.06
N SER B 73 30.63 -29.33 -14.85
CA SER B 73 31.07 -30.69 -14.59
C SER B 73 29.98 -31.68 -14.18
N GLY B 74 29.94 -32.76 -14.92
CA GLY B 74 29.10 -33.89 -14.67
C GLY B 74 29.35 -34.45 -13.28
N MET B 75 28.26 -34.92 -12.70
CA MET B 75 28.27 -35.46 -11.34
C MET B 75 28.08 -36.96 -11.35
N ASP B 76 29.17 -37.68 -10.95
CA ASP B 76 28.96 -39.15 -10.79
C ASP B 76 28.36 -39.44 -9.41
N SER B 77 28.20 -40.68 -9.00
CA SER B 77 27.56 -40.97 -7.72
C SER B 77 28.35 -40.52 -6.52
N ASN B 78 29.66 -40.52 -6.69
CA ASN B 78 30.56 -40.02 -5.63
C ASN B 78 30.45 -38.51 -5.43
N ALA B 79 30.23 -37.88 -6.60
CA ALA B 79 30.08 -36.42 -6.67
C ALA B 79 28.74 -36.09 -5.96
N TYR B 80 27.67 -36.86 -6.20
CA TYR B 80 26.43 -36.65 -5.47
C TYR B 80 26.67 -36.90 -3.98
N LYS B 81 27.26 -38.01 -3.60
CA LYS B 81 27.60 -38.21 -2.21
C LYS B 81 28.40 -37.09 -1.56
N ASN B 82 29.45 -36.63 -2.25
CA ASN B 82 30.31 -35.57 -1.69
C ASN B 82 29.59 -34.24 -1.68
N ALA B 83 28.48 -34.14 -2.46
CA ALA B 83 27.66 -32.91 -2.37
C ALA B 83 26.54 -33.09 -1.30
N GLY B 84 26.60 -34.16 -0.50
CA GLY B 84 25.63 -34.38 0.55
C GLY B 84 24.28 -34.90 0.10
N ILE B 85 24.23 -35.61 -1.04
CA ILE B 85 22.99 -36.05 -1.60
C ILE B 85 23.02 -37.57 -1.81
N THR B 86 22.08 -38.33 -1.25
CA THR B 86 22.02 -39.77 -1.47
C THR B 86 20.54 -40.20 -1.41
N THR B 87 20.29 -41.37 -1.98
CA THR B 87 18.96 -41.92 -1.92
C THR B 87 18.96 -43.42 -1.61
N SER B 88 17.81 -43.84 -1.10
CA SER B 88 17.56 -45.28 -0.82
C SER B 88 16.07 -45.55 -0.83
N GLY B 89 15.65 -46.34 -1.81
CA GLY B 89 14.24 -46.70 -2.00
C GLY B 89 13.44 -45.43 -2.31
N ASN B 90 12.66 -44.98 -1.32
CA ASN B 90 11.88 -43.74 -1.50
C ASN B 90 12.39 -42.61 -0.61
N LYS B 91 13.62 -42.81 -0.07
CA LYS B 91 14.24 -41.81 0.75
C LYS B 91 15.35 -40.99 0.05
N LEU B 92 15.34 -39.70 0.37
CA LEU B 92 16.31 -38.71 -0.04
C LEU B 92 17.00 -38.09 1.18
N ARG B 93 18.31 -38.38 1.39
CA ARG B 93 19.02 -37.78 2.50
C ARG B 93 19.86 -36.59 2.06
N LEU B 94 19.59 -35.42 2.63
CA LEU B 94 20.35 -34.20 2.38
C LEU B 94 21.17 -33.78 3.62
N GLN B 95 22.47 -33.62 3.50
CA GLN B 95 23.41 -33.25 4.56
C GLN B 95 23.95 -31.86 4.35
N GLN B 96 24.07 -31.05 5.37
CA GLN B 96 24.62 -29.72 5.31
C GLN B 96 26.14 -29.76 5.15
N LEU B 97 26.84 -30.70 5.79
CA LEU B 97 28.30 -30.66 5.70
C LEU B 97 28.85 -32.08 5.53
N ILE B 98 29.86 -32.22 4.68
CA ILE B 98 30.57 -33.47 4.46
C ILE B 98 32.05 -33.17 4.76
N ASN B 99 32.66 -33.82 5.76
CA ASN B 99 34.09 -33.67 6.00
C ASN B 99 34.51 -32.24 6.27
N ASN B 100 33.76 -31.52 7.08
CA ASN B 100 33.92 -30.10 7.39
C ASN B 100 33.79 -29.14 6.22
N GLN B 101 33.15 -29.53 5.13
CA GLN B 101 32.94 -28.64 4.02
C GLN B 101 31.43 -28.37 3.92
N LEU B 102 31.13 -27.10 3.78
CA LEU B 102 29.73 -26.69 3.63
C LEU B 102 29.22 -27.17 2.27
N VAL B 103 28.20 -27.99 2.18
CA VAL B 103 27.71 -28.37 0.87
C VAL B 103 26.27 -27.94 0.61
N SER B 104 25.42 -27.79 1.59
CA SER B 104 24.10 -27.21 1.56
C SER B 104 23.39 -27.44 0.22
N PRO B 105 23.06 -28.70 -0.06
CA PRO B 105 22.51 -29.07 -1.34
C PRO B 105 21.14 -28.51 -1.62
N ARG B 106 20.86 -28.36 -2.91
CA ARG B 106 19.52 -27.98 -3.36
C ARG B 106 19.30 -28.85 -4.60
N VAL B 107 18.32 -29.70 -4.64
CA VAL B 107 17.97 -30.61 -5.73
C VAL B 107 16.56 -30.49 -6.27
N TYR B 108 16.37 -31.01 -7.50
CA TYR B 108 15.14 -30.96 -8.27
C TYR B 108 14.67 -32.37 -8.66
N LEU B 109 13.36 -32.54 -8.87
CA LEU B 109 12.88 -33.88 -9.21
C LEU B 109 12.76 -34.03 -10.74
N LEU B 110 13.38 -35.05 -11.31
CA LEU B 110 13.37 -35.35 -12.71
C LEU B 110 12.35 -36.47 -13.04
N GLU B 111 11.83 -36.41 -14.26
CA GLU B 111 11.05 -37.52 -14.81
C GLU B 111 12.00 -38.73 -14.95
N GLU B 112 11.45 -39.89 -15.24
CA GLU B 112 12.15 -41.14 -15.44
C GLU B 112 13.16 -41.04 -16.60
N ASN B 113 12.87 -40.36 -17.69
CA ASN B 113 13.83 -40.19 -18.78
C ASN B 113 14.95 -39.21 -18.44
N LYS B 114 14.91 -38.47 -17.33
CA LYS B 114 15.96 -37.57 -16.96
C LYS B 114 16.18 -36.36 -17.83
N LYS B 115 15.41 -36.10 -18.87
CA LYS B 115 15.63 -34.90 -19.69
C LYS B 115 14.70 -33.78 -19.30
N LYS B 116 13.68 -34.06 -18.51
CA LYS B 116 12.72 -33.09 -18.04
C LYS B 116 12.45 -33.18 -16.55
N TYR B 117 12.13 -32.07 -15.95
CA TYR B 117 11.74 -32.00 -14.55
C TYR B 117 10.33 -32.60 -14.41
N GLU B 118 10.07 -33.27 -13.29
CA GLU B 118 8.72 -33.89 -13.22
C GLU B 118 7.74 -32.80 -12.89
N MET B 119 7.01 -32.26 -13.88
CA MET B 119 6.15 -31.09 -13.54
C MET B 119 4.94 -31.49 -12.69
N LEU B 120 4.70 -30.79 -11.60
CA LEU B 120 3.59 -31.15 -10.72
C LEU B 120 2.49 -30.09 -10.89
N HIS B 121 1.24 -30.61 -10.94
CA HIS B 121 0.07 -29.70 -11.08
C HIS B 121 -0.78 -29.89 -9.84
N LEU B 122 -0.58 -29.10 -8.80
CA LEU B 122 -1.13 -29.37 -7.49
C LEU B 122 -2.47 -28.72 -7.24
N THR B 123 -2.92 -27.74 -8.01
CA THR B 123 -4.25 -27.20 -7.72
C THR B 123 -5.36 -28.28 -7.75
N GLY B 124 -6.13 -28.44 -6.70
CA GLY B 124 -7.20 -29.43 -6.66
C GLY B 124 -6.70 -30.77 -6.20
N THR B 125 -5.45 -30.91 -5.79
CA THR B 125 -4.89 -32.24 -5.53
C THR B 125 -4.18 -32.18 -4.18
N GLU B 126 -3.54 -33.26 -3.82
CA GLU B 126 -2.90 -33.50 -2.53
C GLU B 126 -1.48 -34.03 -2.72
N PHE B 127 -0.58 -33.59 -1.82
CA PHE B 127 0.81 -34.02 -1.85
C PHE B 127 1.18 -34.50 -0.44
N SER B 128 1.76 -35.64 -0.26
CA SER B 128 2.16 -36.16 1.02
C SER B 128 3.62 -36.62 1.00
N PHE B 129 4.26 -36.46 2.13
CA PHE B 129 5.68 -36.84 2.28
C PHE B 129 5.99 -37.10 3.74
N ASP B 130 6.95 -37.97 4.02
CA ASP B 130 7.39 -38.22 5.38
C ASP B 130 8.72 -37.44 5.61
N VAL B 131 9.06 -37.14 6.88
CA VAL B 131 10.25 -36.35 7.09
C VAL B 131 10.85 -36.64 8.45
N GLU B 132 12.18 -36.58 8.49
CA GLU B 132 12.89 -36.80 9.78
C GLU B 132 13.65 -35.51 10.11
N MET B 133 13.21 -34.74 11.06
CA MET B 133 13.70 -33.44 11.43
C MET B 133 14.67 -33.38 12.60
N GLU B 134 14.89 -34.48 13.29
CA GLU B 134 15.69 -34.42 14.53
C GLU B 134 17.02 -33.68 14.55
N LYS B 135 17.75 -33.84 13.44
CA LYS B 135 19.07 -33.24 13.34
C LYS B 135 19.07 -31.85 12.79
N LEU B 136 18.02 -31.08 12.85
CA LEU B 136 17.96 -29.71 12.48
C LEU B 136 17.60 -28.87 13.71
N PRO B 137 18.59 -28.16 14.24
CA PRO B 137 18.49 -27.27 15.37
C PRO B 137 18.10 -25.85 14.93
N CYS B 138 17.94 -24.91 15.88
CA CYS B 138 17.72 -23.51 15.53
C CYS B 138 18.65 -22.99 14.44
N GLY B 139 18.18 -22.13 13.54
CA GLY B 139 18.97 -21.53 12.48
C GLY B 139 18.95 -22.32 11.18
N MET B 140 18.61 -23.64 11.28
CA MET B 140 18.60 -24.50 10.12
C MET B 140 17.27 -24.36 9.38
N ASN B 141 17.24 -24.65 8.11
CA ASN B 141 16.10 -24.69 7.25
C ASN B 141 16.18 -25.92 6.34
N GLY B 142 15.43 -26.96 6.60
CA GLY B 142 15.34 -28.16 5.72
C GLY B 142 14.08 -27.89 4.90
N ALA B 143 14.09 -27.77 3.58
CA ALA B 143 12.93 -27.28 2.83
C ALA B 143 12.40 -28.07 1.70
N LEU B 144 11.06 -28.19 1.62
CA LEU B 144 10.46 -28.90 0.44
C LEU B 144 9.56 -27.87 -0.28
N TYR B 145 9.77 -27.54 -1.57
CA TYR B 145 8.98 -26.41 -2.11
C TYR B 145 8.84 -26.54 -3.62
N LEU B 146 8.00 -25.61 -4.18
CA LEU B 146 7.91 -25.65 -5.64
C LEU B 146 8.20 -24.28 -6.22
N SER B 147 8.70 -24.18 -7.44
CA SER B 147 8.92 -22.96 -8.17
C SER B 147 8.50 -23.18 -9.64
N GLU B 148 8.18 -22.10 -10.36
CA GLU B 148 7.79 -22.31 -11.74
C GLU B 148 8.96 -22.16 -12.66
N MET B 149 9.76 -23.21 -12.65
CA MET B 149 10.94 -23.37 -13.45
C MET B 149 10.51 -23.94 -14.82
N PRO B 150 11.29 -23.62 -15.84
CA PRO B 150 11.08 -24.14 -17.19
C PRO B 150 11.37 -25.64 -17.06
N GLN B 151 10.55 -26.50 -17.63
CA GLN B 151 10.68 -27.94 -17.53
C GLN B 151 11.95 -28.42 -18.20
N ASP B 152 12.33 -27.72 -19.27
CA ASP B 152 13.53 -28.09 -19.98
C ASP B 152 14.80 -27.38 -19.46
N GLY B 153 14.71 -26.68 -18.37
CA GLY B 153 15.86 -25.99 -17.77
C GLY B 153 16.24 -24.75 -18.49
N GLY B 154 15.45 -24.31 -19.47
CA GLY B 154 15.68 -23.10 -20.22
C GLY B 154 16.21 -23.36 -21.63
N LYS B 155 16.42 -24.61 -22.02
CA LYS B 155 17.02 -24.87 -23.31
C LYS B 155 16.27 -24.25 -24.51
N SER B 156 14.92 -24.30 -24.56
CA SER B 156 14.33 -23.71 -25.75
C SER B 156 14.45 -22.20 -25.81
N THR B 157 14.87 -21.45 -24.77
CA THR B 157 14.88 -20.01 -24.88
C THR B 157 16.10 -19.49 -25.66
N SER B 158 17.11 -20.28 -25.90
CA SER B 158 18.38 -19.88 -26.46
C SER B 158 19.17 -21.04 -27.03
N ARG B 159 19.86 -20.82 -28.15
CA ARG B 159 20.72 -21.85 -28.75
C ARG B 159 22.00 -21.95 -27.86
N ASN B 160 22.30 -20.88 -27.13
CA ASN B 160 23.41 -20.90 -26.18
C ASN B 160 23.12 -21.69 -24.89
N SER B 161 21.91 -22.13 -24.67
CA SER B 161 21.44 -22.81 -23.49
C SER B 161 21.54 -24.32 -23.67
N LYS B 162 22.48 -24.94 -22.93
CA LYS B 162 22.71 -26.36 -23.14
C LYS B 162 22.57 -27.26 -21.93
N ALA B 163 22.68 -26.75 -20.71
CA ALA B 163 22.60 -27.66 -19.57
C ALA B 163 21.24 -28.35 -19.48
N GLY B 164 20.15 -27.59 -19.47
CA GLY B 164 18.80 -28.15 -19.29
C GLY B 164 18.53 -28.73 -17.90
N ALA B 165 17.46 -29.52 -17.83
CA ALA B 165 17.03 -30.20 -16.65
C ALA B 165 18.00 -31.30 -16.20
N TYR B 166 18.60 -32.00 -17.18
CA TYR B 166 19.53 -33.08 -16.94
C TYR B 166 20.63 -32.59 -16.03
N TYR B 167 21.10 -31.34 -16.17
CA TYR B 167 22.15 -30.82 -15.29
C TYR B 167 21.65 -29.83 -14.30
N GLY B 168 20.31 -29.70 -14.14
CA GLY B 168 19.78 -28.88 -13.07
C GLY B 168 19.81 -27.39 -13.26
N ALA B 169 19.59 -26.96 -14.52
CA ALA B 169 19.58 -25.52 -14.80
C ALA B 169 18.19 -24.95 -14.66
N GLY B 170 18.04 -23.66 -14.79
CA GLY B 170 16.82 -22.92 -14.78
C GLY B 170 16.13 -22.58 -13.48
N TYR B 171 16.84 -22.57 -12.37
CA TYR B 171 16.34 -22.15 -11.11
C TYR B 171 15.90 -20.69 -11.03
N CYS B 172 14.77 -20.58 -10.29
CA CYS B 172 14.14 -19.26 -10.01
C CYS B 172 13.38 -19.34 -8.69
N ASP B 173 13.00 -18.19 -8.12
CA ASP B 173 12.10 -18.18 -6.98
C ASP B 173 11.54 -16.76 -6.85
N ALA B 174 10.67 -16.61 -5.86
CA ALA B 174 10.01 -15.34 -5.59
C ALA B 174 10.91 -14.34 -4.88
N GLN B 175 12.17 -14.56 -4.62
CA GLN B 175 13.01 -13.51 -4.03
C GLN B 175 13.65 -12.63 -5.09
N CYS B 176 13.48 -12.98 -6.37
CA CYS B 176 14.08 -12.26 -7.49
C CYS B 176 15.59 -12.01 -7.29
N TYR B 177 16.38 -13.00 -6.79
CA TYR B 177 17.81 -12.83 -6.60
C TYR B 177 18.54 -12.75 -7.93
N VAL B 178 19.57 -11.92 -7.99
CA VAL B 178 20.41 -11.84 -9.19
C VAL B 178 21.39 -13.03 -9.10
N THR B 179 21.38 -13.98 -10.00
CA THR B 179 22.29 -15.08 -10.13
C THR B 179 22.99 -14.98 -11.49
N PRO B 180 24.21 -15.51 -11.56
CA PRO B 180 25.16 -15.33 -12.67
C PRO B 180 24.61 -15.96 -13.94
N PHE B 181 23.79 -16.97 -13.79
CA PHE B 181 23.15 -17.72 -14.84
C PHE B 181 21.63 -17.66 -14.63
N ILE B 182 20.92 -17.63 -15.74
CA ILE B 182 19.49 -17.54 -15.89
C ILE B 182 19.03 -18.37 -17.10
N ASN B 183 18.08 -19.31 -16.97
CA ASN B 183 17.69 -20.14 -18.08
C ASN B 183 18.84 -20.88 -18.76
N GLY B 184 19.87 -21.27 -18.02
CA GLY B 184 21.06 -21.93 -18.51
C GLY B 184 21.89 -21.07 -19.47
N VAL B 185 21.88 -19.76 -19.33
CA VAL B 185 22.70 -18.84 -20.11
C VAL B 185 23.28 -17.81 -19.14
N GLY B 186 24.31 -17.08 -19.53
CA GLY B 186 24.91 -16.00 -18.77
C GLY B 186 23.95 -14.82 -18.59
N ASN B 187 23.78 -14.32 -17.36
CA ASN B 187 22.94 -13.20 -16.98
C ASN B 187 23.58 -11.86 -17.20
N ILE B 188 23.88 -11.65 -18.49
CA ILE B 188 24.58 -10.49 -18.99
C ILE B 188 24.02 -9.18 -18.43
N LYS B 189 22.71 -9.00 -18.37
CA LYS B 189 22.14 -7.76 -17.87
C LYS B 189 21.98 -7.65 -16.36
N GLY B 190 22.34 -8.67 -15.61
CA GLY B 190 22.19 -8.69 -14.19
C GLY B 190 20.75 -8.60 -13.74
N GLN B 191 19.82 -9.28 -14.41
CA GLN B 191 18.43 -9.28 -13.98
C GLN B 191 18.19 -10.15 -12.73
N GLY B 192 17.28 -9.77 -11.86
CA GLY B 192 16.90 -10.73 -10.78
C GLY B 192 16.10 -11.84 -11.41
N VAL B 193 16.24 -13.07 -10.84
CA VAL B 193 15.58 -14.20 -11.54
C VAL B 193 14.32 -14.63 -10.82
N CYS B 194 13.17 -14.33 -11.36
CA CYS B 194 11.91 -14.49 -10.62
C CYS B 194 10.94 -15.53 -11.17
N CYS B 195 10.17 -16.06 -10.23
CA CYS B 195 9.07 -16.95 -10.57
C CYS B 195 8.20 -17.22 -9.34
N ASN B 196 6.96 -17.68 -9.68
CA ASN B 196 6.03 -18.07 -8.64
C ASN B 196 6.70 -19.18 -7.81
N GLU B 197 6.41 -19.16 -6.51
CA GLU B 197 7.03 -20.08 -5.54
C GLU B 197 5.91 -20.54 -4.57
N LEU B 198 5.85 -21.81 -4.21
CA LEU B 198 5.06 -22.40 -3.20
C LEU B 198 5.98 -23.19 -2.21
N ASP B 199 6.18 -22.52 -1.07
CA ASP B 199 6.90 -23.11 0.07
C ASP B 199 5.93 -24.02 0.85
N ILE B 200 5.90 -25.31 0.53
CA ILE B 200 5.12 -26.27 1.30
C ILE B 200 5.65 -26.44 2.72
N TRP B 201 6.95 -26.69 2.81
CA TRP B 201 7.66 -26.91 4.06
C TRP B 201 9.02 -26.21 4.19
N GLU B 202 9.18 -25.39 5.21
CA GLU B 202 10.44 -24.70 5.53
C GLU B 202 10.54 -24.92 7.04
N ALA B 203 11.50 -25.69 7.54
CA ALA B 203 11.52 -25.92 8.97
C ALA B 203 12.87 -26.38 9.57
N ASN B 204 12.88 -26.38 10.91
CA ASN B 204 13.97 -27.03 11.65
C ASN B 204 13.23 -27.79 12.77
N SER B 205 13.85 -28.35 13.77
CA SER B 205 13.14 -29.18 14.77
C SER B 205 12.40 -28.31 15.73
N ARG B 206 12.62 -27.00 15.72
CA ARG B 206 11.95 -26.06 16.60
C ARG B 206 10.75 -25.31 16.03
N ALA B 207 10.59 -25.15 14.73
CA ALA B 207 9.46 -24.44 14.13
C ALA B 207 9.29 -24.77 12.64
N THR B 208 8.03 -24.80 12.19
CA THR B 208 7.70 -25.03 10.81
C THR B 208 6.97 -23.80 10.19
N HIS B 209 7.06 -23.74 8.85
CA HIS B 209 6.46 -22.56 8.20
C HIS B 209 5.89 -23.04 6.87
N ILE B 210 4.90 -22.33 6.41
CA ILE B 210 4.25 -22.64 5.12
C ILE B 210 4.03 -21.31 4.42
N ALA B 211 4.32 -21.21 3.13
CA ALA B 211 4.14 -19.96 2.44
C ALA B 211 4.12 -19.91 0.90
N PRO B 212 2.95 -19.60 0.35
CA PRO B 212 2.73 -19.32 -1.04
C PRO B 212 3.37 -17.96 -1.32
N HIS B 213 3.97 -17.78 -2.48
CA HIS B 213 4.52 -16.52 -2.93
C HIS B 213 4.14 -16.33 -4.39
N PRO B 214 3.06 -15.59 -4.64
CA PRO B 214 2.61 -15.32 -6.00
C PRO B 214 3.49 -14.29 -6.69
N CYS B 215 3.52 -14.30 -8.03
CA CYS B 215 4.18 -13.28 -8.85
C CYS B 215 3.21 -12.86 -9.98
N SER B 216 3.22 -11.61 -10.37
CA SER B 216 2.36 -11.16 -11.45
C SER B 216 2.94 -11.49 -12.83
N LYS B 217 4.08 -12.11 -12.98
CA LYS B 217 4.60 -12.57 -14.27
C LYS B 217 4.65 -14.06 -14.28
N PRO B 218 4.13 -14.65 -15.31
CA PRO B 218 4.10 -16.12 -15.44
C PRO B 218 5.43 -16.75 -15.68
N GLY B 219 5.71 -17.98 -15.34
CA GLY B 219 7.01 -18.58 -15.68
C GLY B 219 8.20 -17.83 -15.07
N LEU B 220 9.34 -18.01 -15.70
CA LEU B 220 10.56 -17.38 -15.25
C LEU B 220 10.69 -16.02 -15.90
N TYR B 221 10.87 -14.98 -15.10
CA TYR B 221 11.02 -13.65 -15.67
C TYR B 221 12.23 -12.96 -15.09
N GLY B 222 13.04 -12.36 -15.94
CA GLY B 222 14.22 -11.58 -15.54
C GLY B 222 13.78 -10.14 -15.21
N CYS B 223 13.79 -9.69 -13.98
CA CYS B 223 13.37 -8.36 -13.58
C CYS B 223 14.50 -7.33 -13.65
N THR B 224 14.13 -6.09 -13.77
CA THR B 224 15.01 -4.96 -13.71
C THR B 224 14.46 -3.84 -12.83
N GLY B 225 15.30 -3.10 -12.12
CA GLY B 225 14.93 -2.01 -11.26
C GLY B 225 13.85 -2.35 -10.23
N ASP B 226 12.74 -1.61 -10.23
CA ASP B 226 11.70 -1.73 -9.23
C ASP B 226 10.93 -3.04 -9.30
N GLU B 227 10.93 -3.69 -10.46
CA GLU B 227 10.35 -4.99 -10.61
C GLU B 227 10.94 -5.98 -9.61
N CYS B 228 12.23 -5.87 -9.26
CA CYS B 228 12.87 -6.77 -8.34
C CYS B 228 12.63 -6.56 -6.86
N GLY B 229 12.13 -5.39 -6.47
CA GLY B 229 12.01 -4.96 -5.09
C GLY B 229 10.73 -5.42 -4.40
N SER B 230 10.53 -4.73 -3.28
CA SER B 230 9.38 -4.88 -2.41
C SER B 230 8.08 -4.31 -2.97
N SER B 231 8.12 -3.53 -4.03
CA SER B 231 6.85 -3.17 -4.68
C SER B 231 6.85 -3.71 -6.09
N GLY B 232 7.61 -4.79 -6.31
CA GLY B 232 7.78 -5.39 -7.60
C GLY B 232 6.76 -6.44 -8.02
N ILE B 233 7.24 -7.37 -8.88
CA ILE B 233 6.36 -8.38 -9.46
C ILE B 233 6.14 -9.60 -8.61
N CYS B 234 7.02 -9.82 -7.61
CA CYS B 234 6.90 -11.02 -6.80
C CYS B 234 6.73 -10.72 -5.31
N ASP B 235 5.97 -11.60 -4.65
CA ASP B 235 5.74 -11.42 -3.21
C ASP B 235 6.85 -12.05 -2.37
N LYS B 236 7.88 -11.32 -2.03
CA LYS B 236 9.02 -11.76 -1.24
C LYS B 236 8.64 -12.38 0.11
N ALA B 237 7.81 -11.66 0.87
CA ALA B 237 7.47 -12.20 2.18
C ALA B 237 6.60 -13.43 2.09
N GLY B 238 5.70 -13.54 1.14
CA GLY B 238 4.76 -14.70 1.19
C GLY B 238 3.65 -14.44 2.21
N CYS B 239 2.59 -15.25 2.14
CA CYS B 239 1.49 -15.28 3.08
C CYS B 239 1.81 -16.47 4.02
N GLY B 240 2.32 -16.22 5.21
CA GLY B 240 2.80 -17.34 6.03
C GLY B 240 1.86 -17.99 7.01
N TRP B 241 2.07 -19.26 7.31
CA TRP B 241 1.45 -20.07 8.28
C TRP B 241 2.54 -20.72 9.19
N ASN B 242 2.63 -20.24 10.43
CA ASN B 242 3.50 -20.79 11.47
C ASN B 242 2.68 -20.84 12.79
N HIS B 243 2.52 -22.05 13.32
CA HIS B 243 1.74 -22.19 14.58
C HIS B 243 2.24 -21.20 15.60
N ASN B 244 3.55 -21.06 15.84
CA ASN B 244 3.91 -20.02 16.85
C ASN B 244 3.38 -18.64 16.58
N ARG B 245 3.32 -18.22 15.32
CA ARG B 245 2.82 -16.86 15.05
C ARG B 245 1.31 -16.75 15.27
N ILE B 246 0.56 -17.84 15.30
CA ILE B 246 -0.88 -17.63 15.55
C ILE B 246 -1.19 -18.08 16.98
N ASN B 247 -0.12 -18.09 17.78
CA ASN B 247 -0.11 -18.33 19.20
C ASN B 247 -0.52 -19.72 19.64
N VAL B 248 -0.17 -20.77 18.92
CA VAL B 248 -0.38 -22.12 19.40
C VAL B 248 1.02 -22.70 19.63
N THR B 249 1.69 -22.32 20.73
CA THR B 249 3.10 -22.69 20.88
C THR B 249 3.38 -24.12 21.28
N ASP B 250 2.40 -25.00 21.44
CA ASP B 250 2.65 -26.41 21.83
C ASP B 250 2.30 -27.35 20.68
N PHE B 251 2.16 -26.83 19.47
CA PHE B 251 1.81 -27.69 18.33
C PHE B 251 2.99 -28.48 17.81
N TYR B 252 4.06 -27.82 17.48
CA TYR B 252 5.21 -28.49 16.86
C TYR B 252 6.53 -28.24 17.58
N GLY B 253 7.26 -29.22 18.04
CA GLY B 253 8.49 -29.07 18.79
C GLY B 253 9.19 -30.38 19.10
N ARG B 254 10.29 -30.29 19.87
CA ARG B 254 11.06 -31.48 20.25
C ARG B 254 10.52 -32.19 21.49
N GLY B 255 10.06 -33.43 21.40
CA GLY B 255 9.58 -34.19 22.54
C GLY B 255 8.08 -34.40 22.70
N LYS B 256 7.71 -35.14 23.75
CA LYS B 256 6.36 -35.49 24.15
C LYS B 256 5.45 -34.31 24.41
N GLN B 257 5.92 -33.15 24.82
CA GLN B 257 5.10 -31.96 25.01
C GLN B 257 4.49 -31.35 23.74
N TYR B 258 4.85 -31.76 22.54
CA TYR B 258 4.25 -31.09 21.36
C TYR B 258 3.27 -32.08 20.73
N LYS B 259 2.27 -31.63 19.99
CA LYS B 259 1.34 -32.55 19.34
C LYS B 259 2.09 -33.28 18.23
N VAL B 260 2.98 -32.52 17.57
CA VAL B 260 3.78 -33.18 16.53
C VAL B 260 5.21 -33.20 17.07
N ASP B 261 5.74 -34.33 17.46
CA ASP B 261 7.12 -34.32 18.03
C ASP B 261 8.19 -34.44 16.93
N SER B 262 8.92 -33.36 16.71
CA SER B 262 9.96 -33.27 15.72
C SER B 262 11.18 -34.17 15.86
N THR B 263 11.35 -34.93 16.95
CA THR B 263 12.51 -35.78 17.10
C THR B 263 12.28 -37.14 16.51
N ARG B 264 11.05 -37.38 16.00
CA ARG B 264 10.75 -38.70 15.42
C ARG B 264 10.07 -38.50 14.09
N LYS B 265 10.12 -39.44 13.18
CA LYS B 265 9.52 -39.37 11.87
C LYS B 265 8.03 -39.05 11.92
N PHE B 266 7.50 -38.34 10.93
CA PHE B 266 6.07 -38.05 10.81
C PHE B 266 5.73 -37.75 9.34
N THR B 267 4.44 -37.76 9.02
CA THR B 267 3.91 -37.60 7.68
C THR B 267 3.26 -36.21 7.56
N VAL B 268 3.53 -35.49 6.46
CA VAL B 268 3.00 -34.13 6.27
C VAL B 268 2.05 -34.18 5.07
N THR B 269 0.77 -33.90 5.26
CA THR B 269 -0.13 -33.90 4.09
C THR B 269 -0.61 -32.50 3.74
N SER B 270 -0.59 -32.15 2.46
CA SER B 270 -1.04 -30.83 2.06
C SER B 270 -2.08 -30.95 0.96
N GLN B 271 -3.20 -30.30 1.22
CA GLN B 271 -4.36 -30.37 0.32
C GLN B 271 -4.61 -29.02 -0.32
N PHE B 272 -4.61 -28.96 -1.64
CA PHE B 272 -4.78 -27.68 -2.32
C PHE B 272 -6.19 -27.68 -2.88
N VAL B 273 -7.10 -27.05 -2.13
CA VAL B 273 -8.51 -26.98 -2.50
C VAL B 273 -8.82 -25.88 -3.51
N ALA B 274 -9.54 -26.32 -4.54
CA ALA B 274 -10.04 -25.40 -5.57
C ALA B 274 -11.58 -25.28 -5.61
N ASN B 275 -12.06 -24.19 -6.22
CA ASN B 275 -13.48 -24.02 -6.42
C ASN B 275 -13.92 -24.66 -7.74
N LYS B 276 -15.20 -24.63 -8.10
CA LYS B 276 -15.69 -25.24 -9.31
C LYS B 276 -15.21 -24.61 -10.60
N GLN B 277 -14.66 -23.41 -10.68
CA GLN B 277 -14.01 -22.91 -11.88
C GLN B 277 -12.54 -23.29 -11.95
N GLY B 278 -12.05 -24.17 -11.07
CA GLY B 278 -10.70 -24.60 -10.94
C GLY B 278 -9.70 -23.63 -10.32
N ASP B 279 -10.12 -22.62 -9.60
CA ASP B 279 -9.22 -21.65 -8.98
C ASP B 279 -8.84 -22.21 -7.61
N LEU B 280 -7.61 -22.13 -7.19
CA LEU B 280 -7.14 -22.52 -5.86
C LEU B 280 -7.78 -21.50 -4.89
N ILE B 281 -8.37 -22.01 -3.84
CA ILE B 281 -9.04 -21.10 -2.90
C ILE B 281 -8.56 -21.33 -1.49
N GLU B 282 -7.98 -22.50 -1.17
CA GLU B 282 -7.47 -22.63 0.19
C GLU B 282 -6.42 -23.72 0.33
N LEU B 283 -5.40 -23.49 1.17
CA LEU B 283 -4.38 -24.50 1.43
C LEU B 283 -4.51 -25.12 2.81
N HIS B 284 -4.66 -26.40 2.98
CA HIS B 284 -4.87 -27.14 4.19
C HIS B 284 -3.67 -28.02 4.51
N ARG B 285 -3.46 -28.35 5.78
CA ARG B 285 -2.42 -29.24 6.22
C ARG B 285 -2.85 -30.10 7.41
N HIS B 286 -2.45 -31.37 7.44
CA HIS B 286 -2.63 -32.18 8.63
C HIS B 286 -1.39 -33.05 8.74
N TYR B 287 -1.15 -33.66 9.88
CA TYR B 287 0.01 -34.52 10.08
C TYR B 287 -0.42 -35.90 10.50
N ILE B 288 0.43 -36.90 10.39
CA ILE B 288 0.21 -38.26 10.82
C ILE B 288 1.49 -38.72 11.57
N GLN B 289 1.32 -39.10 12.83
CA GLN B 289 2.46 -39.50 13.65
C GLN B 289 1.95 -40.60 14.58
N ASP B 290 2.72 -41.67 14.81
CA ASP B 290 2.26 -42.80 15.59
C ASP B 290 0.95 -43.34 15.03
N ASN B 291 0.67 -43.32 13.73
CA ASN B 291 -0.57 -43.80 13.17
C ASN B 291 -1.84 -43.06 13.54
N LYS B 292 -1.80 -41.84 14.00
CA LYS B 292 -2.92 -40.97 14.30
C LYS B 292 -2.86 -39.64 13.54
N VAL B 293 -3.94 -39.27 12.84
CA VAL B 293 -4.06 -37.96 12.20
C VAL B 293 -3.99 -36.88 13.29
N ILE B 294 -3.25 -35.81 13.03
CA ILE B 294 -3.09 -34.67 13.92
C ILE B 294 -3.47 -33.44 13.08
N GLU B 295 -4.55 -32.82 13.52
CA GLU B 295 -5.04 -31.66 12.80
C GLU B 295 -4.28 -30.39 13.11
N SER B 296 -4.20 -29.51 12.15
CA SER B 296 -3.58 -28.21 12.40
C SER B 296 -4.55 -27.50 13.36
N ALA B 297 -4.01 -26.57 14.14
CA ALA B 297 -4.82 -25.86 15.13
C ALA B 297 -5.34 -24.55 14.54
N VAL B 298 -6.39 -24.06 15.13
CA VAL B 298 -7.03 -22.83 14.77
C VAL B 298 -6.18 -21.64 15.22
N VAL B 299 -6.29 -20.55 14.44
CA VAL B 299 -5.71 -19.26 14.81
C VAL B 299 -6.12 -19.00 16.25
N ASN B 300 -5.17 -18.58 17.07
CA ASN B 300 -5.43 -18.36 18.49
C ASN B 300 -5.11 -16.92 18.87
N ILE B 301 -5.16 -16.01 17.87
CA ILE B 301 -4.98 -14.61 18.18
C ILE B 301 -6.21 -13.81 17.65
N SER B 302 -6.44 -12.60 18.08
CA SER B 302 -7.57 -11.85 17.59
C SER B 302 -7.25 -11.24 16.23
N GLY B 303 -8.26 -11.15 15.39
CA GLY B 303 -8.11 -10.50 14.09
C GLY B 303 -8.48 -11.41 12.93
N PRO B 304 -7.59 -12.29 12.55
CA PRO B 304 -7.76 -13.26 11.50
C PRO B 304 -8.95 -14.15 11.73
N PRO B 305 -9.44 -14.79 10.70
CA PRO B 305 -10.55 -15.74 10.79
C PRO B 305 -10.10 -16.90 11.67
N LYS B 306 -11.01 -17.47 12.43
CA LYS B 306 -10.69 -18.56 13.31
C LYS B 306 -10.78 -19.85 12.54
N ILE B 307 -9.80 -20.07 11.68
CA ILE B 307 -9.58 -21.23 10.85
C ILE B 307 -8.13 -21.75 11.03
N ASN B 308 -7.93 -22.97 10.49
CA ASN B 308 -6.68 -23.67 10.58
C ASN B 308 -6.12 -23.86 9.20
N PHE B 309 -6.36 -23.00 8.25
CA PHE B 309 -5.81 -23.22 6.89
C PHE B 309 -5.56 -21.87 6.25
N ILE B 310 -4.89 -21.77 5.09
CA ILE B 310 -4.67 -20.46 4.48
C ILE B 310 -5.72 -20.11 3.42
N ASN B 311 -6.16 -18.89 3.34
CA ASN B 311 -7.01 -18.30 2.35
C ASN B 311 -6.79 -16.79 2.31
N ASP B 312 -7.31 -16.11 1.31
CA ASP B 312 -7.10 -14.68 1.18
C ASP B 312 -7.50 -13.91 2.42
N LYS B 313 -8.60 -14.23 3.04
CA LYS B 313 -9.10 -13.51 4.23
C LYS B 313 -8.02 -13.57 5.31
N TYR B 314 -7.58 -14.81 5.60
CA TYR B 314 -6.47 -14.99 6.53
C TYR B 314 -5.22 -14.19 6.15
N CYS B 315 -4.85 -14.23 4.84
CA CYS B 315 -3.71 -13.51 4.37
C CYS B 315 -3.95 -12.02 4.54
N ALA B 316 -5.14 -11.50 4.24
CA ALA B 316 -5.34 -10.03 4.41
C ALA B 316 -5.28 -9.63 5.87
N ALA B 317 -5.95 -10.36 6.72
CA ALA B 317 -5.98 -10.09 8.16
C ALA B 317 -4.59 -10.21 8.79
N THR B 318 -3.63 -11.02 8.26
CA THR B 318 -2.36 -11.06 8.94
C THR B 318 -1.29 -10.22 8.25
N GLY B 319 -1.64 -9.20 7.52
CA GLY B 319 -0.72 -8.30 6.88
C GLY B 319 -0.04 -8.81 5.62
N ALA B 320 -0.55 -9.79 4.88
CA ALA B 320 0.15 -10.16 3.62
C ALA B 320 -0.17 -9.23 2.49
N ASN B 321 0.14 -7.96 2.58
CA ASN B 321 -0.18 -6.96 1.59
C ASN B 321 0.40 -7.13 0.20
N GLU B 322 1.58 -7.71 -0.01
CA GLU B 322 2.08 -7.84 -1.40
C GLU B 322 1.39 -9.06 -2.01
N TYR B 323 1.15 -10.03 -1.13
CA TYR B 323 0.48 -11.28 -1.51
C TYR B 323 -0.85 -10.91 -2.17
N MET B 324 -1.68 -10.12 -1.47
CA MET B 324 -2.96 -9.65 -1.99
C MET B 324 -2.88 -8.69 -3.15
N ARG B 325 -1.91 -7.79 -3.19
CA ARG B 325 -1.81 -6.88 -4.36
C ARG B 325 -1.44 -7.62 -5.62
N LEU B 326 -0.69 -8.73 -5.51
CA LEU B 326 -0.25 -9.39 -6.73
C LEU B 326 -1.16 -10.49 -7.16
N GLY B 327 -2.40 -10.52 -6.71
CA GLY B 327 -3.28 -11.63 -7.11
C GLY B 327 -3.68 -12.64 -6.08
N GLY B 328 -3.01 -12.75 -4.96
CA GLY B 328 -3.37 -13.60 -3.87
C GLY B 328 -3.38 -15.10 -4.12
N THR B 329 -4.26 -15.87 -3.46
CA THR B 329 -4.38 -17.29 -3.68
C THR B 329 -4.60 -17.80 -5.09
N LYS B 330 -5.38 -17.11 -5.87
CA LYS B 330 -5.77 -17.47 -7.23
C LYS B 330 -4.53 -17.43 -8.12
N GLN B 331 -3.83 -16.28 -8.07
CA GLN B 331 -2.57 -16.12 -8.79
C GLN B 331 -1.67 -17.27 -8.37
N MET B 332 -1.45 -17.56 -7.06
CA MET B 332 -0.63 -18.74 -6.77
C MET B 332 -1.16 -19.99 -7.47
N GLY B 333 -2.45 -20.22 -7.50
CA GLY B 333 -3.05 -21.46 -8.01
C GLY B 333 -2.91 -21.64 -9.53
N ASP B 334 -3.02 -20.49 -10.17
CA ASP B 334 -2.77 -20.42 -11.60
C ASP B 334 -1.37 -20.93 -11.97
N ALA B 335 -0.34 -20.52 -11.20
CA ALA B 335 1.04 -20.99 -11.42
C ALA B 335 1.10 -22.48 -11.13
N MET B 336 0.46 -22.95 -10.07
CA MET B 336 0.45 -24.40 -9.77
C MET B 336 -0.24 -25.17 -10.87
N SER B 337 -1.25 -24.63 -11.52
CA SER B 337 -1.97 -25.34 -12.57
C SER B 337 -1.16 -25.41 -13.87
N ARG B 338 -0.30 -24.43 -14.12
CA ARG B 338 0.55 -24.49 -15.32
C ARG B 338 1.64 -25.57 -15.19
N GLY B 339 2.05 -25.86 -13.95
CA GLY B 339 3.03 -26.92 -13.68
C GLY B 339 4.22 -26.32 -12.98
N MET B 340 4.82 -26.93 -12.00
CA MET B 340 5.93 -26.42 -11.23
C MET B 340 6.90 -27.52 -10.86
N VAL B 341 8.16 -27.14 -10.62
CA VAL B 341 9.21 -28.10 -10.25
C VAL B 341 9.30 -28.22 -8.71
N LEU B 342 9.51 -29.44 -8.28
CA LEU B 342 9.76 -29.79 -6.91
C LEU B 342 11.25 -29.62 -6.58
N ALA B 343 11.52 -28.76 -5.62
CA ALA B 343 12.88 -28.56 -5.14
C ALA B 343 12.96 -29.00 -3.66
N MET B 344 14.05 -29.60 -3.25
CA MET B 344 14.36 -29.99 -1.87
C MET B 344 15.77 -29.46 -1.55
N SER B 345 15.98 -28.87 -0.40
CA SER B 345 17.22 -28.36 0.05
C SER B 345 17.38 -28.24 1.58
N VAL B 346 18.63 -28.06 2.01
CA VAL B 346 19.06 -27.81 3.34
C VAL B 346 19.99 -26.56 3.37
N TRP B 347 19.79 -25.69 4.35
CA TRP B 347 20.61 -24.49 4.41
C TRP B 347 20.52 -23.77 5.73
N TRP B 348 21.39 -22.78 5.93
CA TRP B 348 21.48 -21.91 7.09
C TRP B 348 21.71 -20.47 6.59
N SER B 349 21.64 -19.51 7.45
CA SER B 349 21.88 -18.12 7.07
C SER B 349 22.85 -17.35 7.99
N GLU B 350 23.87 -16.77 7.34
CA GLU B 350 24.91 -16.00 8.05
C GLU B 350 24.43 -14.61 8.47
N GLY B 351 23.40 -14.06 7.81
CA GLY B 351 22.88 -12.76 8.20
C GLY B 351 21.83 -12.84 9.31
N ASP B 352 20.58 -13.17 8.96
CA ASP B 352 19.51 -13.22 9.89
C ASP B 352 19.41 -14.45 10.74
N PHE B 353 20.21 -15.49 10.47
CA PHE B 353 20.24 -16.71 11.28
C PHE B 353 18.89 -17.39 11.25
N MET B 354 18.14 -17.24 10.17
CA MET B 354 16.81 -17.79 10.03
C MET B 354 15.89 -17.33 11.17
N ALA B 355 16.06 -16.12 11.69
CA ALA B 355 15.23 -15.60 12.76
C ALA B 355 13.75 -15.50 12.40
N TRP B 356 13.33 -15.36 11.12
CA TRP B 356 11.94 -15.23 10.77
C TRP B 356 11.22 -16.56 10.92
N LEU B 357 11.95 -17.64 10.97
CA LEU B 357 11.44 -19.01 11.08
C LEU B 357 11.30 -19.48 12.51
N ASP B 358 12.25 -19.28 13.43
CA ASP B 358 12.25 -19.82 14.76
C ASP B 358 12.53 -18.87 15.93
N GLN B 359 12.48 -17.56 15.86
CA GLN B 359 12.75 -16.71 17.02
C GLN B 359 11.58 -15.75 17.34
N GLY B 360 11.55 -15.38 18.65
CA GLY B 360 10.51 -14.37 19.02
C GLY B 360 9.09 -14.91 18.82
N VAL B 361 8.25 -14.29 18.00
CA VAL B 361 6.90 -14.83 17.74
C VAL B 361 6.97 -16.09 16.90
N ALA B 362 8.05 -16.33 16.14
CA ALA B 362 8.15 -17.54 15.37
C ALA B 362 8.66 -18.76 16.08
N GLY B 363 9.22 -18.70 17.32
CA GLY B 363 9.63 -20.01 17.93
C GLY B 363 10.50 -19.74 19.14
N PRO B 364 11.23 -20.72 19.64
CA PRO B 364 11.93 -20.67 20.93
C PRO B 364 13.43 -20.46 20.91
N CYS B 365 13.94 -20.04 19.79
CA CYS B 365 15.38 -19.85 19.60
C CYS B 365 15.84 -18.50 20.09
N ASP B 366 16.93 -18.43 20.83
CA ASP B 366 17.34 -17.05 21.26
C ASP B 366 17.92 -16.33 20.04
N ALA B 367 18.62 -15.25 20.24
CA ALA B 367 19.21 -14.39 19.26
C ALA B 367 20.46 -14.95 18.61
N THR B 368 21.18 -15.91 19.19
CA THR B 368 22.46 -16.21 18.57
C THR B 368 22.74 -17.69 18.38
N GLU B 369 21.91 -18.57 18.92
CA GLU B 369 22.19 -20.01 18.84
C GLU B 369 22.08 -20.50 17.41
N GLY B 370 21.30 -19.85 16.58
CA GLY B 370 21.14 -20.16 15.17
C GLY B 370 22.21 -19.59 14.23
N ASP B 371 23.26 -19.03 14.85
CA ASP B 371 24.47 -18.64 14.08
C ASP B 371 25.12 -19.95 13.71
N PRO B 372 25.56 -20.08 12.47
CA PRO B 372 26.28 -21.25 11.95
C PRO B 372 27.41 -21.76 12.83
N LYS B 373 28.21 -20.90 13.46
CA LYS B 373 29.21 -21.40 14.42
C LYS B 373 28.57 -22.03 15.69
N ASN B 374 27.42 -21.56 16.13
CA ASN B 374 26.71 -22.16 17.27
C ASN B 374 25.85 -23.35 16.84
N ILE B 375 25.38 -23.39 15.60
CA ILE B 375 24.62 -24.54 15.10
C ILE B 375 25.44 -25.83 15.14
N VAL B 376 26.71 -25.74 14.69
CA VAL B 376 27.50 -27.01 14.70
C VAL B 376 27.87 -27.42 16.11
N LYS B 377 27.88 -26.62 17.12
CA LYS B 377 28.05 -27.04 18.50
C LYS B 377 26.84 -27.83 19.03
N VAL B 378 25.60 -27.53 18.62
CA VAL B 378 24.49 -28.39 19.06
C VAL B 378 24.42 -29.66 18.19
N GLN B 379 24.77 -29.53 16.92
CA GLN B 379 24.68 -30.68 16.02
C GLN B 379 25.72 -30.53 14.92
N PRO B 380 26.80 -31.24 15.08
CA PRO B 380 27.97 -31.18 14.21
C PRO B 380 27.62 -31.43 12.78
N ASN B 381 26.73 -32.37 12.52
CA ASN B 381 26.32 -32.72 11.17
C ASN B 381 24.80 -32.70 10.94
N PRO B 382 24.28 -31.49 10.85
CA PRO B 382 22.87 -31.25 10.53
C PRO B 382 22.53 -31.91 9.18
N GLU B 383 21.40 -32.59 9.18
CA GLU B 383 20.96 -33.24 7.96
C GLU B 383 19.45 -33.33 8.03
N VAL B 384 18.76 -33.77 6.97
CA VAL B 384 17.31 -33.98 6.93
C VAL B 384 16.95 -35.02 5.87
N THR B 385 16.00 -35.93 6.17
CA THR B 385 15.56 -36.95 5.24
C THR B 385 14.09 -36.81 4.83
N PHE B 386 13.89 -36.61 3.51
CA PHE B 386 12.56 -36.53 2.93
C PHE B 386 12.27 -37.88 2.25
N SER B 387 11.10 -38.50 2.45
CA SER B 387 10.81 -39.76 1.77
C SER B 387 9.33 -40.09 1.55
N ASN B 388 9.04 -41.20 0.88
CA ASN B 388 7.64 -41.61 0.68
C ASN B 388 6.73 -40.55 0.12
N ILE B 389 7.10 -39.99 -1.03
CA ILE B 389 6.45 -38.86 -1.67
C ILE B 389 5.25 -39.38 -2.44
N ARG B 390 4.04 -38.92 -2.05
CA ARG B 390 2.88 -39.52 -2.78
C ARG B 390 1.98 -38.40 -3.23
N ILE B 391 1.65 -38.41 -4.50
CA ILE B 391 0.89 -37.34 -5.12
C ILE B 391 -0.40 -37.86 -5.75
N GLY B 392 -1.45 -37.02 -5.71
CA GLY B 392 -2.73 -37.40 -6.29
C GLY B 392 -3.96 -36.87 -5.60
N GLU B 393 -5.03 -37.69 -5.66
CA GLU B 393 -6.34 -37.27 -5.23
C GLU B 393 -6.46 -37.01 -3.75
N ILE B 394 -7.15 -35.91 -3.46
CA ILE B 394 -7.43 -35.54 -2.08
C ILE B 394 -8.01 -36.73 -1.35
N GLY B 395 -7.36 -37.02 -0.18
CA GLY B 395 -7.84 -38.15 0.60
C GLY B 395 -7.22 -39.46 0.17
N SER B 396 -6.39 -39.45 -0.89
CA SER B 396 -5.74 -40.72 -1.27
C SER B 396 -4.27 -40.90 -0.92
N THR B 397 -3.48 -39.93 -0.48
CA THR B 397 -2.03 -40.06 -0.35
C THR B 397 -1.50 -40.45 1.02
N SER B 398 -2.30 -40.37 2.06
CA SER B 398 -1.89 -40.80 3.38
C SER B 398 -3.13 -41.36 4.08
N SER B 399 -2.96 -42.01 5.22
CA SER B 399 -4.11 -42.56 5.90
C SER B 399 -3.72 -43.33 7.14
N VAL B 400 -4.67 -43.41 8.07
CA VAL B 400 -4.55 -44.25 9.25
C VAL B 400 -5.19 -45.62 9.04
C1 NAG C . 15.42 32.78 -8.53
C2 NAG C . 16.08 32.23 -7.30
C3 NAG C . 17.58 32.40 -7.51
C4 NAG C . 18.02 31.63 -8.80
C5 NAG C . 17.17 32.09 -10.00
C6 NAG C . 17.47 31.31 -11.26
C7 NAG C . 15.21 32.12 -5.01
C8 NAG C . 14.86 32.95 -3.82
N2 NAG C . 15.62 32.89 -6.05
O3 NAG C . 18.48 31.90 -6.55
O4 NAG C . 19.37 31.93 -9.13
O5 NAG C . 15.82 31.95 -9.65
O6 NAG C . 17.39 29.97 -11.46
O7 NAG C . 15.16 30.97 -5.07
C1A IN1 D . -7.40 29.82 4.96
C2A IN1 D . -8.51 30.76 4.62
C3A IN1 D . -10.06 30.19 2.79
C7 IN1 D . -13.86 32.26 0.52
C1 IN1 D . -5.98 28.17 4.40
C2 IN1 D . -5.72 27.06 3.37
C3 IN1 D . -4.40 26.36 3.68
C4 IN1 D . -3.28 27.39 3.59
C5 IN1 D . -3.52 28.60 4.52
C6 IN1 D . -2.53 29.79 4.24
O5 IN1 D . -4.88 29.14 4.35
O2 IN1 D . -6.82 26.20 3.22
O3 IN1 D . -4.20 25.38 2.64
O4 IN1 D . -2.01 26.80 3.80
O6 IN1 D . -2.89 30.73 5.27
O1 IN1 D . -7.13 28.90 3.92
C6A IN1 D . -9.84 30.03 4.29
O1R IN1 D . -9.82 28.67 4.71
O2A IN1 D . -11.41 30.30 2.47
C4A IN1 D . -12.09 31.48 2.11
C5A IN1 D . -13.27 31.06 1.23
O3A IN1 D . -11.65 32.63 2.20
O4S IN1 D . -10.88 30.64 5.01
C1 NAG E . 37.09 -13.12 -13.87
C2 NAG E . 37.86 -13.34 -12.61
C3 NAG E . 39.30 -12.91 -12.78
C4 NAG E . 39.88 -13.70 -13.99
C5 NAG E . 38.95 -13.55 -15.23
C6 NAG E . 39.47 -14.33 -16.42
C7 NAG E . 37.35 -13.19 -10.18
C8 NAG E . 36.79 -12.25 -9.17
N2 NAG E . 37.29 -12.63 -11.43
O3 NAG E . 40.10 -13.15 -11.63
O4 NAG E . 41.15 -13.11 -14.29
O5 NAG E . 37.68 -14.02 -14.87
O6 NAG E . 39.63 -15.67 -16.14
O7 NAG E . 37.78 -14.21 -9.95
C1A IN1 F . 14.92 -19.56 -0.06
C2A IN1 F . 13.64 -18.93 -0.57
C3A IN1 F . 12.32 -20.00 -2.25
C7 IN1 F . 8.30 -19.49 -4.79
C1 IN1 F . 16.73 -20.88 -0.39
C2 IN1 F . 17.28 -22.03 -1.19
C3 IN1 F . 18.71 -22.31 -0.70
C4 IN1 F . 19.54 -21.06 -0.97
C5 IN1 F . 19.00 -19.85 -0.19
C6 IN1 F . 19.65 -18.49 -0.60
O5 IN1 F . 17.58 -19.65 -0.48
O2 IN1 F . 16.44 -23.17 -1.15
O3 IN1 F . 19.23 -23.42 -1.43
O4 IN1 F . 20.90 -21.34 -0.67
O6 IN1 F . 19.06 -17.48 0.19
O1 IN1 F . 15.42 -20.59 -0.91
C6A IN1 F . 12.53 -19.99 -0.74
O1R IN1 F . 12.78 -21.26 -0.17
O2A IN1 F . 11.00 -20.53 -2.53
C4A IN1 F . 10.07 -19.58 -3.03
C5A IN1 F . 9.08 -20.41 -3.89
O3A IN1 F . 10.43 -18.45 -3.36
O4S IN1 F . 11.34 -19.56 -0.08
#